data_6WCI
#
_entry.id   6WCI
#
_cell.length_a   48.260
_cell.length_b   219.650
_cell.length_c   166.280
_cell.angle_alpha   90.000
_cell.angle_beta   90.000
_cell.angle_gamma   90.000
#
_symmetry.space_group_name_H-M   'C 2 2 21'
#
loop_
_entity.id
_entity.type
_entity.pdbx_description
1 polymer 'Cysteine desulfurase'
2 non-polymer 1,2-ETHANEDIOL
3 non-polymer 'SULFATE ION'
4 water water
#
_entity_poly.entity_id   1
_entity_poly.type   'polypeptide(L)'
_entity_poly.pdbx_seq_one_letter_code
;MAHHHHHHMNLSTPRPIEERTGAPDWDRVRLDFPLLMREVHGKPLVYFDNANTGQKPVQVIGAVDEFYRRYNANVSRAVH
ALGSEATDAYEGARNTLARFLNVRPSDLVLCSGTTFAINLVAYSWALPRLKAGDVILITRMEHHANIVPWQLVAQRTGAT
IRVAEITPDGALDLDALRAAMTPEVKLLAVTHVSNVLGTVNPVREICREARKRGIITVVDGSQAVPHRKVDVAAIGCDFY
AITGH(LLP)MCGPTGTGALWARREHLDAMPPFLGGGEMIKEVSFDGTVFNDAPHKFEAGTPNIAGFIGLGVAADYLQQL
GQENVEAREAELLAHFTEELRRVDGLRIIGEAPEKAAVVSFLIDGAHAHDLATLLDLEGVAVRSGQH(CSO)AHPLLQYF
GVAATCRASLAFYNTHAEIERFMTALTKVRKLLG
;
_entity_poly.pdbx_strand_id   A,B
#
loop_
_chem_comp.id
_chem_comp.type
_chem_comp.name
_chem_comp.formula
EDO non-polymer 1,2-ETHANEDIOL 'C2 H6 O2'
SO4 non-polymer 'SULFATE ION' 'O4 S -2'
#
# COMPACT_ATOMS: atom_id res chain seq x y z
N GLY A 22 33.67 2.27 4.53
CA GLY A 22 33.88 3.66 4.88
C GLY A 22 34.16 3.90 6.36
N ALA A 23 33.65 2.99 7.20
CA ALA A 23 33.79 3.01 8.65
C ALA A 23 33.13 4.23 9.27
N PRO A 24 31.80 4.27 9.36
CA PRO A 24 31.13 5.45 9.92
C PRO A 24 31.23 5.49 11.44
N ASP A 25 30.98 6.69 11.99
CA ASP A 25 30.94 6.88 13.44
C ASP A 25 29.55 6.50 13.94
N TRP A 26 29.46 5.36 14.63
CA TRP A 26 28.14 4.82 14.97
C TRP A 26 27.43 5.67 16.02
N ASP A 27 28.18 6.41 16.83
CA ASP A 27 27.54 7.29 17.79
C ASP A 27 26.92 8.50 17.09
N ARG A 28 27.55 8.95 15.99
CA ARG A 28 26.93 9.94 15.13
C ARG A 28 25.72 9.37 14.41
N VAL A 29 25.88 8.20 13.77
CA VAL A 29 24.77 7.57 13.04
C VAL A 29 23.53 7.46 13.92
N ARG A 30 23.71 7.08 15.19
CA ARG A 30 22.57 6.92 16.07
C ARG A 30 21.78 8.21 16.25
N LEU A 31 22.45 9.36 16.23
CA LEU A 31 21.73 10.61 16.42
C LEU A 31 20.80 10.95 15.26
N ASP A 32 20.91 10.24 14.12
CA ASP A 32 19.97 10.43 13.02
C ASP A 32 18.59 9.90 13.33
N PHE A 33 18.41 9.16 14.41
CA PHE A 33 17.18 8.40 14.65
C PHE A 33 16.40 8.98 15.82
N PRO A 34 15.50 9.94 15.58
CA PRO A 34 14.89 10.66 16.71
C PRO A 34 13.99 9.81 17.59
N LEU A 35 13.43 8.70 17.08
CA LEU A 35 12.59 7.89 17.95
C LEU A 35 13.38 7.32 19.13
N LEU A 36 14.69 7.07 18.94
CA LEU A 36 15.49 6.49 20.01
C LEU A 36 15.58 7.39 21.24
N MET A 37 15.15 8.65 21.12
CA MET A 37 15.03 9.54 22.27
C MET A 37 13.76 9.30 23.07
N ARG A 38 12.84 8.46 22.59
CA ARG A 38 11.61 8.17 23.32
C ARG A 38 11.91 7.69 24.74
N GLU A 39 10.98 7.99 25.63
CA GLU A 39 10.88 7.34 26.93
C GLU A 39 9.53 6.64 26.99
N VAL A 40 9.52 5.46 27.62
CA VAL A 40 8.29 4.68 27.83
C VAL A 40 8.28 4.27 29.28
N HIS A 41 7.08 4.29 29.89
CA HIS A 41 6.93 3.97 31.31
C HIS A 41 7.93 4.75 32.17
N GLY A 42 8.25 5.97 31.74
CA GLY A 42 9.14 6.81 32.53
C GLY A 42 10.60 6.42 32.46
N LYS A 43 10.99 5.65 31.45
CA LYS A 43 12.35 5.15 31.32
C LYS A 43 12.83 5.35 29.89
N PRO A 44 14.14 5.55 29.70
CA PRO A 44 14.66 5.66 28.33
C PRO A 44 14.50 4.35 27.57
N LEU A 45 13.99 4.47 26.35
CA LEU A 45 13.63 3.31 25.55
C LEU A 45 14.86 2.56 25.09
N VAL A 46 14.79 1.22 25.16
CA VAL A 46 15.71 0.33 24.50
C VAL A 46 14.91 -0.42 23.46
N TYR A 47 15.15 -0.14 22.17
CA TYR A 47 14.33 -0.71 21.10
C TYR A 47 15.08 -1.89 20.51
N PHE A 48 14.73 -3.09 20.96
CA PHE A 48 15.30 -4.36 20.50
C PHE A 48 14.27 -5.17 19.72
N ASP A 49 13.38 -4.50 18.99
CA ASP A 49 12.32 -5.15 18.21
C ASP A 49 12.44 -4.76 16.74
N ASN A 50 13.68 -4.61 16.27
CA ASN A 50 13.91 -4.16 14.91
C ASN A 50 13.47 -5.16 13.86
N ALA A 51 13.27 -6.43 14.23
CA ALA A 51 12.75 -7.42 13.30
C ALA A 51 11.26 -7.23 13.07
N ASN A 52 10.57 -6.58 14.00
CA ASN A 52 9.15 -6.27 13.83
C ASN A 52 8.97 -5.07 12.90
N THR A 53 9.66 -3.98 13.18
CA THR A 53 9.79 -2.88 12.23
C THR A 53 11.04 -2.11 12.62
N GLY A 54 11.68 -1.49 11.62
CA GLY A 54 12.87 -0.71 11.84
C GLY A 54 12.57 0.79 12.01
N GLN A 55 13.49 1.49 12.68
CA GLN A 55 13.35 2.92 12.90
C GLN A 55 13.94 3.71 11.74
N LYS A 56 13.52 4.99 11.61
CA LYS A 56 13.84 5.79 10.42
C LYS A 56 14.82 6.90 10.75
N PRO A 57 15.81 7.12 9.88
CA PRO A 57 16.66 8.29 10.05
C PRO A 57 15.88 9.55 9.68
N VAL A 58 16.28 10.67 10.29
CA VAL A 58 15.58 11.94 10.06
C VAL A 58 15.58 12.31 8.58
N GLN A 59 16.61 11.86 7.82
CA GLN A 59 16.63 12.11 6.39
C GLN A 59 15.40 11.51 5.71
N VAL A 60 14.95 10.35 6.19
CA VAL A 60 13.77 9.69 5.64
C VAL A 60 12.50 10.39 6.10
N ILE A 61 12.42 10.69 7.40
CA ILE A 61 11.22 11.36 7.92
C ILE A 61 11.05 12.73 7.29
N GLY A 62 12.16 13.43 7.04
CA GLY A 62 12.08 14.76 6.46
C GLY A 62 11.78 14.76 4.98
N ALA A 63 12.16 13.69 4.28
CA ALA A 63 11.84 13.58 2.85
C ALA A 63 10.34 13.45 2.64
N VAL A 64 9.68 12.65 3.48
CA VAL A 64 8.23 12.50 3.42
C VAL A 64 7.54 13.81 3.79
N ASP A 65 8.00 14.43 4.88
CA ASP A 65 7.46 15.72 5.32
C ASP A 65 7.60 16.77 4.23
N GLU A 66 8.76 16.82 3.57
CA GLU A 66 8.96 17.84 2.55
C GLU A 66 8.09 17.61 1.33
N PHE A 67 7.82 16.35 0.99
CA PHE A 67 6.93 16.05 -0.12
C PHE A 67 5.55 16.64 0.15
N TYR A 68 4.98 16.37 1.33
CA TYR A 68 3.66 16.89 1.65
C TYR A 68 3.65 18.41 1.75
N ARG A 69 4.75 19.03 2.19
CA ARG A 69 4.76 20.47 2.37
C ARG A 69 5.18 21.24 1.13
N ARG A 70 5.82 20.61 0.15
CA ARG A 70 6.38 21.43 -0.93
C ARG A 70 6.05 20.95 -2.34
N TYR A 71 5.92 19.63 -2.60
CA TYR A 71 5.61 19.26 -3.98
C TYR A 71 4.65 18.08 -4.09
N ASN A 72 3.68 17.99 -3.18
CA ASN A 72 2.66 16.94 -3.28
C ASN A 72 1.84 17.08 -4.56
N ALA A 73 1.95 16.08 -5.45
CA ALA A 73 1.18 16.00 -6.69
C ALA A 73 1.27 14.57 -7.19
N ASN A 74 0.39 14.21 -8.11
CA ASN A 74 0.45 12.86 -8.62
C ASN A 74 1.58 12.76 -9.66
N VAL A 75 1.87 11.53 -10.07
CA VAL A 75 3.04 11.26 -10.89
C VAL A 75 2.63 10.76 -12.26
N VAL A 79 3.33 16.84 -17.21
CA VAL A 79 2.45 17.51 -16.26
C VAL A 79 3.04 18.87 -15.85
N HIS A 80 2.52 19.43 -14.76
CA HIS A 80 2.90 20.74 -14.25
C HIS A 80 4.10 20.63 -13.31
N ALA A 81 4.50 21.74 -12.69
CA ALA A 81 5.77 21.80 -11.97
C ALA A 81 5.81 20.82 -10.81
N LEU A 82 4.79 20.82 -9.94
CA LEU A 82 4.81 19.90 -8.80
C LEU A 82 4.65 18.46 -9.27
N GLY A 83 3.79 18.20 -10.25
CA GLY A 83 3.67 16.85 -10.77
C GLY A 83 4.96 16.36 -11.39
N SER A 84 5.73 17.27 -11.98
CA SER A 84 6.99 16.94 -12.61
C SER A 84 8.04 16.53 -11.59
N GLU A 85 8.16 17.30 -10.50
CA GLU A 85 9.12 16.95 -9.46
C GLU A 85 8.69 15.70 -8.71
N ALA A 86 7.38 15.50 -8.52
CA ALA A 86 6.93 14.30 -7.81
C ALA A 86 7.28 13.06 -8.60
N THR A 87 7.11 13.12 -9.93
CA THR A 87 7.41 11.99 -10.81
C THR A 87 8.90 11.68 -10.82
N ASP A 88 9.74 12.72 -10.97
CA ASP A 88 11.18 12.49 -10.96
C ASP A 88 11.64 11.89 -9.64
N ALA A 89 11.03 12.31 -8.53
CA ALA A 89 11.33 11.73 -7.24
C ALA A 89 10.89 10.28 -7.17
N TYR A 90 9.67 10.00 -7.62
CA TYR A 90 9.13 8.64 -7.53
C TYR A 90 9.99 7.67 -8.34
N GLU A 91 10.24 7.99 -9.60
CA GLU A 91 11.07 7.12 -10.41
C GLU A 91 12.52 7.16 -9.97
N GLY A 92 12.98 8.31 -9.46
CA GLY A 92 14.31 8.35 -8.88
C GLY A 92 14.47 7.35 -7.75
N ALA A 93 13.42 7.17 -6.95
CA ALA A 93 13.48 6.22 -5.84
C ALA A 93 13.60 4.79 -6.36
N ARG A 94 12.90 4.46 -7.46
CA ARG A 94 13.02 3.13 -8.06
C ARG A 94 14.43 2.89 -8.55
N ASN A 95 15.05 3.91 -9.14
CA ASN A 95 16.43 3.78 -9.60
C ASN A 95 17.37 3.56 -8.41
N THR A 96 17.15 4.27 -7.31
CA THR A 96 18.00 4.14 -6.13
C THR A 96 17.83 2.77 -5.48
N LEU A 97 16.58 2.33 -5.30
CA LEU A 97 16.34 1.01 -4.73
C LEU A 97 16.91 -0.07 -5.63
N ALA A 98 16.88 0.14 -6.95
CA ALA A 98 17.44 -0.84 -7.87
C ALA A 98 18.96 -0.91 -7.77
N ARG A 99 19.63 0.24 -7.60
CA ARG A 99 21.07 0.20 -7.38
C ARG A 99 21.39 -0.44 -6.04
N PHE A 100 20.53 -0.25 -5.04
CA PHE A 100 20.70 -0.85 -3.72
C PHE A 100 20.70 -2.38 -3.80
N LEU A 101 19.89 -2.96 -4.68
CA LEU A 101 19.81 -4.40 -4.87
C LEU A 101 20.68 -4.91 -6.00
N ASN A 102 21.32 -4.02 -6.75
CA ASN A 102 22.14 -4.37 -7.92
C ASN A 102 21.32 -5.06 -9.01
N VAL A 103 20.11 -4.55 -9.27
CA VAL A 103 19.26 -5.07 -10.33
C VAL A 103 18.86 -3.91 -11.24
N ARG A 104 18.20 -4.25 -12.35
CA ARG A 104 17.77 -3.18 -13.25
CA ARG A 104 17.79 -3.15 -13.21
C ARG A 104 16.43 -2.61 -12.78
N PRO A 105 16.25 -1.30 -12.82
CA PRO A 105 14.97 -0.72 -12.41
C PRO A 105 13.76 -1.26 -13.17
N SER A 106 13.90 -1.58 -14.46
CA SER A 106 12.78 -2.12 -15.21
CA SER A 106 12.78 -2.13 -15.22
C SER A 106 12.35 -3.50 -14.74
N ASP A 107 13.15 -4.18 -13.92
CA ASP A 107 12.81 -5.49 -13.39
C ASP A 107 12.25 -5.41 -11.98
N LEU A 108 12.04 -4.20 -11.48
CA LEU A 108 11.75 -3.97 -10.07
C LEU A 108 10.33 -3.42 -9.95
N VAL A 109 9.44 -4.20 -9.34
CA VAL A 109 8.05 -3.82 -9.15
C VAL A 109 7.88 -3.27 -7.74
N LEU A 110 7.34 -2.06 -7.63
CA LEU A 110 7.19 -1.42 -6.34
C LEU A 110 5.80 -1.74 -5.81
N CYS A 111 5.71 -2.10 -4.54
CA CYS A 111 4.43 -2.50 -3.95
C CYS A 111 4.45 -2.19 -2.45
N SER A 112 3.34 -2.52 -1.79
CA SER A 112 3.08 -2.16 -0.41
C SER A 112 3.85 -2.99 0.61
N GLY A 113 4.63 -3.97 0.20
CA GLY A 113 5.36 -4.79 1.15
C GLY A 113 5.72 -6.14 0.57
N THR A 114 6.47 -6.92 1.37
CA THR A 114 6.82 -8.27 0.97
C THR A 114 5.57 -9.11 0.75
N THR A 115 4.57 -8.95 1.63
CA THR A 115 3.37 -9.76 1.51
C THR A 115 2.70 -9.58 0.15
N PHE A 116 2.54 -8.32 -0.29
CA PHE A 116 1.97 -8.12 -1.62
C PHE A 116 2.87 -8.74 -2.69
N ALA A 117 4.17 -8.56 -2.56
CA ALA A 117 5.11 -9.08 -3.56
C ALA A 117 4.93 -10.58 -3.79
N ILE A 118 4.82 -11.35 -2.70
CA ILE A 118 4.73 -12.81 -2.82
C ILE A 118 3.37 -13.22 -3.38
N ASN A 119 2.28 -12.56 -2.92
CA ASN A 119 0.96 -12.83 -3.49
C ASN A 119 0.92 -12.54 -4.99
N LEU A 120 1.67 -11.53 -5.44
CA LEU A 120 1.73 -11.28 -6.88
C LEU A 120 2.28 -12.51 -7.61
N VAL A 121 3.34 -13.12 -7.09
CA VAL A 121 3.87 -14.34 -7.69
C VAL A 121 2.85 -15.47 -7.59
N ALA A 122 2.25 -15.63 -6.40
CA ALA A 122 1.27 -16.70 -6.19
C ALA A 122 0.11 -16.61 -7.18
N TYR A 123 -0.49 -15.42 -7.33
CA TYR A 123 -1.64 -15.29 -8.23
C TYR A 123 -1.24 -15.23 -9.70
N SER A 124 -0.10 -14.64 -10.03
CA SER A 124 0.18 -14.38 -11.44
C SER A 124 1.16 -15.35 -12.06
N TRP A 125 2.06 -15.94 -11.27
CA TRP A 125 2.92 -16.99 -11.79
C TRP A 125 2.31 -18.37 -11.56
N ALA A 126 2.06 -18.73 -10.29
CA ALA A 126 1.70 -20.12 -9.98
C ALA A 126 0.27 -20.44 -10.34
N LEU A 127 -0.68 -19.59 -9.98
CA LEU A 127 -2.08 -19.90 -10.19
C LEU A 127 -2.40 -20.30 -11.63
N PRO A 128 -1.88 -19.66 -12.67
CA PRO A 128 -2.16 -20.11 -14.03
C PRO A 128 -1.31 -21.28 -14.51
N ARG A 129 -0.35 -21.76 -13.73
CA ARG A 129 0.55 -22.79 -14.23
C ARG A 129 0.47 -24.12 -13.51
N LEU A 130 0.10 -24.16 -12.22
CA LEU A 130 0.19 -25.39 -11.48
C LEU A 130 -1.02 -26.28 -11.74
N LYS A 131 -0.81 -27.58 -11.53
CA LYS A 131 -1.80 -28.59 -11.83
C LYS A 131 -1.64 -29.71 -10.80
N ALA A 132 -2.59 -30.66 -10.82
CA ALA A 132 -2.48 -31.83 -9.96
C ALA A 132 -1.18 -32.58 -10.23
N GLY A 133 -0.47 -32.95 -9.17
CA GLY A 133 0.81 -33.59 -9.31
C GLY A 133 1.99 -32.65 -9.17
N ASP A 134 1.80 -31.36 -9.37
CA ASP A 134 2.85 -30.40 -9.07
C ASP A 134 2.98 -30.22 -7.56
N VAL A 135 4.19 -29.93 -7.11
CA VAL A 135 4.52 -29.77 -5.70
C VAL A 135 5.14 -28.41 -5.49
N ILE A 136 4.69 -27.69 -4.48
CA ILE A 136 5.32 -26.46 -4.02
C ILE A 136 6.14 -26.81 -2.78
N LEU A 137 7.43 -26.49 -2.82
CA LEU A 137 8.33 -26.84 -1.75
C LEU A 137 8.57 -25.57 -0.92
N ILE A 138 8.30 -25.66 0.38
CA ILE A 138 8.35 -24.52 1.28
C ILE A 138 9.14 -24.92 2.52
N THR A 139 10.13 -24.11 2.91
CA THR A 139 10.93 -24.53 4.06
C THR A 139 10.14 -24.34 5.35
N ARG A 140 10.52 -25.14 6.36
CA ARG A 140 9.89 -25.10 7.66
C ARG A 140 10.03 -23.75 8.36
N MET A 141 11.01 -22.92 7.98
CA MET A 141 11.23 -21.66 8.68
C MET A 141 10.63 -20.45 7.97
N GLU A 142 9.75 -20.65 6.97
CA GLU A 142 9.18 -19.51 6.26
C GLU A 142 8.22 -18.71 7.15
N HIS A 143 8.28 -17.40 7.00
CA HIS A 143 7.25 -16.49 7.51
C HIS A 143 5.94 -16.79 6.78
N HIS A 144 4.82 -16.51 7.46
CA HIS A 144 3.51 -16.75 6.87
C HIS A 144 3.34 -16.06 5.51
N ALA A 145 4.00 -14.92 5.29
CA ALA A 145 3.92 -14.27 3.99
C ALA A 145 4.40 -15.18 2.86
N ASN A 146 5.34 -16.07 3.14
CA ASN A 146 5.86 -17.03 2.17
C ASN A 146 5.29 -18.43 2.37
N ILE A 147 4.12 -18.54 3.00
CA ILE A 147 3.45 -19.82 3.13
C ILE A 147 2.02 -19.70 2.64
N VAL A 148 1.28 -18.74 3.23
CA VAL A 148 -0.17 -18.68 3.02
C VAL A 148 -0.54 -18.45 1.56
N PRO A 149 0.16 -17.60 0.78
CA PRO A 149 -0.21 -17.47 -0.64
C PRO A 149 -0.16 -18.81 -1.39
N TRP A 150 0.84 -19.63 -1.09
CA TRP A 150 1.00 -20.91 -1.76
C TRP A 150 -0.08 -21.90 -1.36
N GLN A 151 -0.53 -21.85 -0.11
CA GLN A 151 -1.63 -22.72 0.30
C GLN A 151 -2.91 -22.36 -0.45
N LEU A 152 -3.19 -21.05 -0.58
CA LEU A 152 -4.37 -20.63 -1.31
C LEU A 152 -4.34 -21.14 -2.74
N VAL A 153 -3.20 -21.00 -3.44
CA VAL A 153 -3.22 -21.36 -4.85
C VAL A 153 -3.06 -22.86 -5.04
N ALA A 154 -2.37 -23.54 -4.11
CA ALA A 154 -2.36 -25.00 -4.14
C ALA A 154 -3.76 -25.56 -4.03
N GLN A 155 -4.57 -25.01 -3.12
CA GLN A 155 -5.93 -25.50 -2.97
C GLN A 155 -6.74 -25.27 -4.24
N ARG A 156 -6.45 -24.19 -4.97
CA ARG A 156 -7.20 -23.87 -6.18
C ARG A 156 -6.74 -24.68 -7.38
N THR A 157 -5.46 -25.06 -7.45
CA THR A 157 -4.92 -25.73 -8.62
C THR A 157 -4.94 -27.25 -8.51
N GLY A 158 -5.04 -27.79 -7.29
CA GLY A 158 -4.81 -29.19 -7.06
C GLY A 158 -3.37 -29.54 -6.77
N ALA A 159 -2.48 -28.56 -6.70
CA ALA A 159 -1.09 -28.81 -6.36
C ALA A 159 -0.97 -29.14 -4.88
N THR A 160 0.16 -29.75 -4.50
CA THR A 160 0.42 -30.12 -3.11
C THR A 160 1.68 -29.45 -2.59
N ILE A 161 1.70 -29.22 -1.28
CA ILE A 161 2.80 -28.52 -0.63
C ILE A 161 3.66 -29.54 0.11
N ARG A 162 4.96 -29.49 -0.11
CA ARG A 162 5.94 -30.29 0.63
C ARG A 162 6.83 -29.35 1.44
N VAL A 163 7.23 -29.80 2.62
CA VAL A 163 8.01 -28.96 3.55
C VAL A 163 9.47 -29.36 3.45
N ALA A 164 10.34 -28.38 3.26
CA ALA A 164 11.79 -28.60 3.35
C ALA A 164 12.22 -28.42 4.80
N GLU A 165 12.72 -29.49 5.42
CA GLU A 165 12.94 -29.46 6.85
C GLU A 165 14.22 -28.72 7.22
N ILE A 166 14.32 -28.38 8.50
CA ILE A 166 15.48 -27.73 9.09
C ILE A 166 16.04 -28.67 10.18
N THR A 167 17.22 -28.34 10.71
CA THR A 167 17.78 -29.07 11.83
C THR A 167 17.65 -28.27 13.11
N PRO A 168 17.91 -28.88 14.28
CA PRO A 168 17.70 -28.18 15.57
C PRO A 168 18.62 -26.99 15.81
N ASP A 169 19.68 -26.81 15.03
CA ASP A 169 20.47 -25.60 15.18
C ASP A 169 19.88 -24.42 14.41
N GLY A 170 18.73 -24.61 13.75
CA GLY A 170 18.13 -23.57 12.95
C GLY A 170 18.64 -23.46 11.52
N ALA A 171 19.38 -24.45 11.05
CA ALA A 171 19.89 -24.44 9.69
C ALA A 171 18.94 -25.19 8.76
N LEU A 172 18.97 -24.80 7.50
CA LEU A 172 18.29 -25.57 6.47
C LEU A 172 19.07 -26.86 6.23
N ASP A 173 18.36 -27.99 6.17
CA ASP A 173 19.03 -29.27 5.88
C ASP A 173 19.24 -29.34 4.38
N LEU A 174 20.47 -29.08 3.94
CA LEU A 174 20.74 -29.01 2.50
C LEU A 174 20.65 -30.38 1.85
N ASP A 175 21.12 -31.43 2.53
CA ASP A 175 20.97 -32.78 2.00
C ASP A 175 19.50 -33.15 1.82
N ALA A 176 18.69 -32.93 2.86
CA ALA A 176 17.26 -33.16 2.72
C ALA A 176 16.65 -32.27 1.64
N LEU A 177 17.16 -31.04 1.50
CA LEU A 177 16.63 -30.15 0.46
C LEU A 177 16.89 -30.70 -0.94
N ARG A 178 18.15 -31.07 -1.22
CA ARG A 178 18.48 -31.68 -2.50
C ARG A 178 17.60 -32.89 -2.80
N ALA A 179 17.44 -33.79 -1.83
CA ALA A 179 16.61 -34.97 -2.06
C ALA A 179 15.15 -34.64 -2.24
N ALA A 180 14.68 -33.49 -1.74
CA ALA A 180 13.28 -33.15 -1.86
C ALA A 180 12.95 -32.51 -3.19
N MET A 181 13.96 -32.04 -3.93
CA MET A 181 13.74 -31.31 -5.18
C MET A 181 13.58 -32.29 -6.35
N THR A 182 12.51 -33.08 -6.27
CA THR A 182 12.22 -34.10 -7.28
C THR A 182 11.61 -33.45 -8.51
N PRO A 183 11.44 -34.19 -9.60
CA PRO A 183 10.91 -33.59 -10.84
C PRO A 183 9.54 -32.96 -10.71
N GLU A 184 8.70 -33.41 -9.78
CA GLU A 184 7.36 -32.84 -9.68
C GLU A 184 7.32 -31.52 -8.92
N VAL A 185 8.43 -31.10 -8.31
CA VAL A 185 8.49 -29.82 -7.60
C VAL A 185 8.65 -28.70 -8.62
N LYS A 186 7.73 -27.74 -8.60
CA LYS A 186 7.74 -26.67 -9.59
C LYS A 186 8.15 -25.33 -9.04
N LEU A 187 8.18 -25.16 -7.72
CA LEU A 187 8.49 -23.88 -7.12
C LEU A 187 9.04 -24.11 -5.72
N LEU A 188 10.05 -23.34 -5.35
CA LEU A 188 10.62 -23.40 -4.01
C LEU A 188 10.55 -22.02 -3.37
N ALA A 189 9.84 -21.92 -2.25
CA ALA A 189 9.79 -20.71 -1.43
C ALA A 189 10.81 -20.84 -0.30
N VAL A 190 11.73 -19.89 -0.20
CA VAL A 190 12.86 -20.00 0.73
C VAL A 190 13.23 -18.61 1.25
N THR A 191 13.38 -18.49 2.57
CA THR A 191 13.79 -17.22 3.15
C THR A 191 15.28 -17.01 2.99
N HIS A 192 15.68 -15.77 2.73
CA HIS A 192 17.08 -15.40 2.78
C HIS A 192 17.56 -15.34 4.23
N VAL A 193 16.78 -14.73 5.11
CA VAL A 193 17.14 -14.61 6.53
C VAL A 193 15.89 -14.85 7.35
N SER A 194 15.97 -15.76 8.33
CA SER A 194 14.82 -16.08 9.16
C SER A 194 14.54 -14.97 10.17
N ASN A 195 13.27 -14.58 10.28
CA ASN A 195 12.87 -13.53 11.22
C ASN A 195 12.81 -14.03 12.66
N VAL A 196 12.88 -15.34 12.88
CA VAL A 196 12.86 -15.94 14.21
C VAL A 196 14.26 -16.38 14.63
N LEU A 197 14.95 -17.08 13.73
CA LEU A 197 16.23 -17.74 14.00
C LEU A 197 17.42 -16.84 13.75
N GLY A 198 17.27 -15.87 12.85
CA GLY A 198 18.38 -15.10 12.36
C GLY A 198 19.20 -15.80 11.31
N THR A 199 18.96 -17.09 11.07
CA THR A 199 19.77 -17.86 10.13
C THR A 199 19.87 -17.19 8.76
N VAL A 200 21.08 -17.12 8.23
CA VAL A 200 21.35 -16.70 6.86
C VAL A 200 21.46 -17.96 5.99
N ASN A 201 20.48 -18.18 5.11
CA ASN A 201 20.53 -19.34 4.22
C ASN A 201 21.43 -19.07 3.02
N PRO A 202 22.06 -20.11 2.45
CA PRO A 202 22.92 -19.96 1.24
C PRO A 202 22.07 -19.89 -0.02
N VAL A 203 21.38 -18.75 -0.21
CA VAL A 203 20.40 -18.68 -1.29
C VAL A 203 21.07 -18.81 -2.63
N ARG A 204 22.32 -18.37 -2.76
CA ARG A 204 23.01 -18.46 -4.04
C ARG A 204 23.17 -19.93 -4.43
N GLU A 205 23.67 -20.76 -3.51
CA GLU A 205 23.84 -22.17 -3.84
C GLU A 205 22.50 -22.88 -3.99
N ILE A 206 21.51 -22.49 -3.17
CA ILE A 206 20.19 -23.10 -3.27
C ILE A 206 19.57 -22.79 -4.63
N CYS A 207 19.60 -21.51 -5.03
CA CYS A 207 18.94 -21.13 -6.27
C CYS A 207 19.71 -21.65 -7.49
N ARG A 208 21.03 -21.81 -7.37
CA ARG A 208 21.79 -22.38 -8.47
C ARG A 208 21.37 -23.84 -8.73
N GLU A 209 21.12 -24.59 -7.66
CA GLU A 209 20.71 -25.97 -7.83
C GLU A 209 19.26 -26.07 -8.30
N ALA A 210 18.38 -25.25 -7.74
CA ALA A 210 16.99 -25.27 -8.19
C ALA A 210 16.89 -24.97 -9.68
N ARG A 211 17.70 -24.04 -10.18
CA ARG A 211 17.65 -23.71 -11.60
C ARG A 211 18.12 -24.87 -12.46
N LYS A 212 19.13 -25.61 -11.97
CA LYS A 212 19.59 -26.83 -12.63
C LYS A 212 18.45 -27.84 -12.80
N ARG A 213 17.44 -27.77 -11.94
CA ARG A 213 16.35 -28.74 -11.91
C ARG A 213 15.04 -28.17 -12.42
N GLY A 214 15.05 -26.97 -13.01
CA GLY A 214 13.82 -26.40 -13.53
C GLY A 214 12.86 -25.93 -12.47
N ILE A 215 13.34 -25.65 -11.26
CA ILE A 215 12.48 -25.29 -10.14
C ILE A 215 12.56 -23.78 -9.95
N ILE A 216 11.39 -23.12 -9.99
CA ILE A 216 11.32 -21.68 -9.76
C ILE A 216 11.58 -21.38 -8.28
N THR A 217 12.36 -20.33 -8.01
CA THR A 217 12.66 -19.93 -6.63
C THR A 217 12.05 -18.58 -6.30
N VAL A 218 11.39 -18.50 -5.15
CA VAL A 218 10.84 -17.27 -4.62
C VAL A 218 11.55 -17.02 -3.29
N VAL A 219 12.39 -16.00 -3.25
CA VAL A 219 13.23 -15.75 -2.09
C VAL A 219 12.67 -14.60 -1.29
N ASP A 220 12.41 -14.85 -0.01
CA ASP A 220 11.92 -13.82 0.89
C ASP A 220 13.13 -13.07 1.45
N GLY A 221 13.37 -11.86 0.96
CA GLY A 221 14.49 -11.04 1.38
C GLY A 221 14.22 -10.03 2.48
N SER A 222 13.04 -10.08 3.13
CA SER A 222 12.64 -9.07 4.09
C SER A 222 13.66 -8.82 5.20
N GLN A 223 14.31 -9.87 5.72
CA GLN A 223 15.27 -9.67 6.81
C GLN A 223 16.71 -9.73 6.34
N ALA A 224 16.94 -9.88 5.04
CA ALA A 224 18.29 -9.83 4.50
C ALA A 224 18.73 -8.38 4.22
N VAL A 225 17.97 -7.64 3.43
CA VAL A 225 18.44 -6.35 2.94
C VAL A 225 18.63 -5.30 4.03
N PRO A 226 17.97 -5.34 5.20
CA PRO A 226 18.33 -4.36 6.24
C PRO A 226 19.69 -4.60 6.86
N HIS A 227 20.21 -5.84 6.83
CA HIS A 227 21.34 -6.24 7.66
C HIS A 227 22.57 -6.70 6.90
N ARG A 228 22.57 -6.66 5.58
CA ARG A 228 23.75 -7.08 4.84
C ARG A 228 23.61 -6.60 3.40
N LYS A 229 24.74 -6.50 2.71
CA LYS A 229 24.71 -6.23 1.30
C LYS A 229 24.13 -7.42 0.57
N VAL A 230 23.11 -7.19 -0.25
CA VAL A 230 22.49 -8.22 -1.06
C VAL A 230 22.62 -7.81 -2.51
N ASP A 231 23.29 -8.64 -3.29
CA ASP A 231 23.35 -8.49 -4.74
C ASP A 231 22.32 -9.46 -5.30
N VAL A 232 21.11 -8.95 -5.57
CA VAL A 232 19.99 -9.83 -5.89
C VAL A 232 20.24 -10.61 -7.18
N ALA A 233 20.80 -9.94 -8.19
CA ALA A 233 21.05 -10.62 -9.46
C ALA A 233 22.03 -11.79 -9.27
N ALA A 234 23.02 -11.63 -8.40
CA ALA A 234 24.00 -12.70 -8.24
C ALA A 234 23.41 -13.93 -7.56
N ILE A 235 22.27 -13.81 -6.89
CA ILE A 235 21.65 -14.96 -6.26
C ILE A 235 21.20 -15.97 -7.30
N GLY A 236 20.79 -15.50 -8.47
CA GLY A 236 20.31 -16.39 -9.50
C GLY A 236 18.93 -16.94 -9.24
N CYS A 237 18.10 -16.24 -8.48
CA CYS A 237 16.75 -16.70 -8.21
C CYS A 237 15.79 -16.16 -9.28
N ASP A 238 14.51 -16.49 -9.16
CA ASP A 238 13.52 -16.00 -10.10
C ASP A 238 12.73 -14.81 -9.61
N PHE A 239 12.48 -14.76 -8.31
CA PHE A 239 11.71 -13.73 -7.65
C PHE A 239 12.37 -13.43 -6.30
N TYR A 240 12.40 -12.15 -5.92
CA TYR A 240 13.01 -11.74 -4.67
C TYR A 240 12.18 -10.58 -4.11
N ALA A 241 11.73 -10.69 -2.86
CA ALA A 241 10.81 -9.74 -2.27
C ALA A 241 11.45 -9.04 -1.07
N ILE A 242 11.21 -7.73 -0.94
CA ILE A 242 11.68 -6.99 0.23
C ILE A 242 10.56 -6.10 0.75
N THR A 243 10.75 -5.63 1.97
CA THR A 243 9.75 -4.78 2.58
C THR A 243 10.44 -3.56 3.18
N GLY A 244 9.85 -2.40 2.94
CA GLY A 244 10.57 -1.15 3.16
C GLY A 244 10.69 -0.75 4.62
N HIS A 245 9.66 -1.06 5.42
CA HIS A 245 9.60 -0.54 6.77
C HIS A 245 10.64 -1.19 7.68
N1 LLP A 246 8.93 -12.29 5.67
C2 LLP A 246 9.78 -11.98 6.67
C2' LLP A 246 10.99 -12.85 6.84
C3 LLP A 246 9.56 -10.89 7.50
O3 LLP A 246 10.35 -10.74 8.60
C4 LLP A 246 8.44 -10.07 7.29
C4' LLP A 246 8.14 -8.88 8.19
C5 LLP A 246 7.57 -10.40 6.26
C6 LLP A 246 7.87 -11.50 5.48
C5' LLP A 246 6.31 -9.61 5.98
OP4 LLP A 246 6.59 -8.25 5.51
P LLP A 246 5.36 -7.19 5.48
OP1 LLP A 246 4.54 -7.29 6.70
OP2 LLP A 246 5.97 -5.84 5.28
OP3 LLP A 246 4.56 -7.50 4.25
N LLP A 246 11.28 -2.25 7.21
CA LLP A 246 12.29 -2.95 8.02
CB LLP A 246 12.24 -4.50 7.87
CG LLP A 246 10.97 -5.02 8.51
CD LLP A 246 10.76 -6.51 8.34
CE LLP A 246 9.49 -7.02 8.99
NZ LLP A 246 9.37 -8.48 8.87
C LLP A 246 13.67 -2.46 7.59
O LLP A 246 14.65 -2.77 8.23
N MET A 247 13.74 -1.69 6.50
CA MET A 247 15.02 -1.14 6.09
C MET A 247 15.09 0.39 6.09
N CYS A 248 14.75 0.99 7.23
CA CYS A 248 14.75 2.44 7.47
C CYS A 248 13.71 3.19 6.65
N GLY A 249 12.76 2.50 6.02
CA GLY A 249 11.85 3.13 5.09
C GLY A 249 10.45 3.32 5.62
N PRO A 250 9.64 4.12 4.93
CA PRO A 250 8.24 4.33 5.33
C PRO A 250 7.42 3.05 5.26
N THR A 251 6.33 3.02 6.01
CA THR A 251 5.40 1.91 5.89
C THR A 251 4.73 1.93 4.52
N GLY A 252 4.12 0.79 4.17
CA GLY A 252 3.41 0.67 2.92
C GLY A 252 4.32 0.68 1.70
N THR A 253 5.57 0.27 1.87
CA THR A 253 6.50 0.24 0.75
C THR A 253 7.16 -1.14 0.72
N GLY A 254 7.72 -1.46 -0.45
CA GLY A 254 8.28 -2.77 -0.68
C GLY A 254 8.52 -2.94 -2.16
N ALA A 255 9.04 -4.11 -2.51
CA ALA A 255 9.29 -4.33 -3.93
C ALA A 255 9.38 -5.82 -4.20
N LEU A 256 9.17 -6.16 -5.47
CA LEU A 256 9.42 -7.49 -6.01
C LEU A 256 10.37 -7.33 -7.19
N TRP A 257 11.53 -7.98 -7.10
CA TRP A 257 12.36 -8.18 -8.27
C TRP A 257 12.01 -9.53 -8.89
N ALA A 258 12.08 -9.60 -10.22
CA ALA A 258 11.77 -10.82 -10.95
C ALA A 258 12.49 -10.79 -12.28
N ARG A 259 12.88 -11.98 -12.75
CA ARG A 259 13.46 -12.10 -14.08
C ARG A 259 12.54 -11.46 -15.11
N ARG A 260 13.14 -10.84 -16.12
CA ARG A 260 12.36 -10.11 -17.10
C ARG A 260 11.41 -11.04 -17.86
N GLU A 261 11.90 -12.23 -18.21
CA GLU A 261 11.06 -13.22 -18.88
C GLU A 261 9.80 -13.52 -18.08
N HIS A 262 9.88 -13.48 -16.75
CA HIS A 262 8.70 -13.79 -15.94
C HIS A 262 7.72 -12.62 -15.93
N LEU A 263 8.22 -11.40 -15.72
CA LEU A 263 7.33 -10.24 -15.72
C LEU A 263 6.63 -10.10 -17.07
N ASP A 264 7.34 -10.40 -18.17
CA ASP A 264 6.71 -10.36 -19.50
C ASP A 264 5.64 -11.44 -19.64
N ALA A 265 5.88 -12.64 -19.12
CA ALA A 265 4.95 -13.75 -19.37
C ALA A 265 3.75 -13.76 -18.44
N MET A 266 3.87 -13.17 -17.25
CA MET A 266 2.80 -13.24 -16.28
CA MET A 266 2.79 -13.24 -16.27
C MET A 266 1.64 -12.33 -16.68
N PRO A 267 0.39 -12.75 -16.44
CA PRO A 267 -0.74 -11.86 -16.66
C PRO A 267 -0.76 -10.75 -15.62
N PRO A 268 -1.48 -9.67 -15.88
CA PRO A 268 -1.61 -8.62 -14.88
C PRO A 268 -2.23 -9.14 -13.59
N PHE A 269 -1.91 -8.44 -12.50
CA PHE A 269 -2.43 -8.81 -11.19
C PHE A 269 -3.60 -7.88 -10.87
N LEU A 270 -3.30 -6.72 -10.29
CA LEU A 270 -4.33 -5.72 -10.07
C LEU A 270 -4.53 -4.91 -11.34
N GLY A 271 -5.79 -4.63 -11.68
CA GLY A 271 -6.12 -3.86 -12.86
C GLY A 271 -6.51 -2.44 -12.48
N GLY A 272 -6.25 -1.50 -13.38
CA GLY A 272 -6.63 -0.11 -13.11
C GLY A 272 -5.82 0.85 -13.96
N GLY A 273 -5.76 2.10 -13.51
CA GLY A 273 -4.95 3.09 -14.18
C GLY A 273 -3.46 2.84 -13.97
N GLU A 274 -2.65 3.47 -14.83
CA GLU A 274 -1.20 3.43 -14.75
C GLU A 274 -0.61 2.09 -15.23
N MET A 275 -1.29 0.97 -15.00
CA MET A 275 -0.82 -0.27 -15.57
C MET A 275 -1.36 -0.51 -16.97
N ILE A 276 -2.24 0.35 -17.47
CA ILE A 276 -2.76 0.24 -18.82
C ILE A 276 -2.01 1.20 -19.72
N LYS A 277 -2.03 0.89 -21.01
CA LYS A 277 -1.63 1.81 -22.07
C LYS A 277 -2.83 2.37 -22.80
N GLU A 278 -3.76 1.51 -23.24
CA GLU A 278 -4.98 1.95 -23.90
C GLU A 278 -6.14 1.14 -23.33
N VAL A 279 -7.22 1.81 -22.95
CA VAL A 279 -8.41 1.15 -22.41
C VAL A 279 -9.56 1.36 -23.37
N SER A 280 -10.23 0.28 -23.73
CA SER A 280 -11.47 0.35 -24.48
C SER A 280 -12.35 -0.80 -24.06
N PHE A 281 -13.67 -0.58 -24.14
CA PHE A 281 -14.59 -1.67 -23.83
C PHE A 281 -14.48 -2.80 -24.83
N ASP A 282 -13.91 -2.55 -26.01
CA ASP A 282 -13.61 -3.60 -26.98
C ASP A 282 -12.36 -4.40 -26.63
N GLY A 283 -11.52 -3.88 -25.74
CA GLY A 283 -10.27 -4.54 -25.37
C GLY A 283 -9.24 -3.54 -24.89
N THR A 284 -8.45 -3.91 -23.88
CA THR A 284 -7.47 -3.03 -23.28
C THR A 284 -6.06 -3.54 -23.60
N VAL A 285 -5.14 -2.61 -23.82
CA VAL A 285 -3.73 -2.92 -24.05
C VAL A 285 -2.96 -2.52 -22.81
N PHE A 286 -2.14 -3.41 -22.30
CA PHE A 286 -1.47 -3.17 -21.03
C PHE A 286 -0.07 -2.62 -21.24
N ASN A 287 0.43 -1.95 -20.21
CA ASN A 287 1.81 -1.48 -20.20
C ASN A 287 2.76 -2.66 -20.02
N ASP A 288 4.02 -2.44 -20.36
CA ASP A 288 5.07 -3.38 -20.06
C ASP A 288 5.43 -3.30 -18.58
N ALA A 289 6.11 -4.34 -18.09
CA ALA A 289 6.67 -4.27 -16.74
C ALA A 289 7.67 -3.11 -16.67
N PRO A 290 7.85 -2.49 -15.50
CA PRO A 290 7.20 -2.85 -14.23
C PRO A 290 5.82 -2.22 -14.02
N HIS A 291 5.50 -1.18 -14.79
CA HIS A 291 4.24 -0.49 -14.56
C HIS A 291 3.04 -1.39 -14.77
N LYS A 292 3.17 -2.37 -15.67
CA LYS A 292 2.21 -3.45 -15.85
C LYS A 292 1.64 -3.98 -14.53
N PHE A 293 2.47 -4.02 -13.48
CA PHE A 293 2.06 -4.60 -12.21
C PHE A 293 1.84 -3.56 -11.11
N GLU A 294 1.75 -2.28 -11.46
CA GLU A 294 1.55 -1.18 -10.50
C GLU A 294 0.27 -0.43 -10.88
N ALA A 295 -0.86 -0.89 -10.33
CA ALA A 295 -2.16 -0.34 -10.66
C ALA A 295 -2.49 0.84 -9.77
N GLY A 296 -3.02 1.90 -10.38
CA GLY A 296 -3.48 3.05 -9.62
C GLY A 296 -2.36 3.92 -9.07
N THR A 297 -2.77 5.01 -8.40
CA THR A 297 -1.84 5.94 -7.78
C THR A 297 -0.91 5.21 -6.82
N PRO A 298 0.41 5.31 -6.99
CA PRO A 298 1.34 4.64 -6.08
C PRO A 298 1.38 5.33 -4.72
N ASN A 299 2.02 4.64 -3.75
CA ASN A 299 2.31 5.28 -2.47
C ASN A 299 3.47 6.24 -2.73
N ILE A 300 3.14 7.41 -3.29
CA ILE A 300 4.20 8.30 -3.77
C ILE A 300 5.11 8.75 -2.64
N ALA A 301 4.53 9.25 -1.55
CA ALA A 301 5.33 9.73 -0.43
C ALA A 301 6.20 8.62 0.15
N GLY A 302 5.61 7.43 0.34
CA GLY A 302 6.37 6.35 0.97
C GLY A 302 7.59 5.94 0.16
N PHE A 303 7.43 5.85 -1.16
CA PHE A 303 8.56 5.44 -1.98
C PHE A 303 9.59 6.54 -2.16
N ILE A 304 9.18 7.81 -2.13
CA ILE A 304 10.18 8.87 -2.05
C ILE A 304 11.06 8.65 -0.82
N GLY A 305 10.45 8.28 0.30
CA GLY A 305 11.23 8.04 1.52
C GLY A 305 12.06 6.78 1.44
N LEU A 306 11.54 5.74 0.78
CA LEU A 306 12.33 4.52 0.66
C LEU A 306 13.56 4.75 -0.20
N GLY A 307 13.41 5.57 -1.25
CA GLY A 307 14.59 5.98 -2.01
C GLY A 307 15.66 6.58 -1.13
N VAL A 308 15.27 7.53 -0.27
CA VAL A 308 16.21 8.13 0.69
C VAL A 308 16.72 7.06 1.65
N ALA A 309 15.85 6.14 2.08
CA ALA A 309 16.31 5.08 2.99
C ALA A 309 17.34 4.18 2.32
N ALA A 310 17.10 3.81 1.07
CA ALA A 310 18.06 2.96 0.36
C ALA A 310 19.39 3.68 0.17
N ASP A 311 19.33 4.95 -0.20
CA ASP A 311 20.54 5.76 -0.35
C ASP A 311 21.25 5.95 0.99
N TYR A 312 20.49 6.11 2.08
CA TYR A 312 21.10 6.26 3.40
C TYR A 312 21.92 5.03 3.77
N LEU A 313 21.39 3.83 3.51
CA LEU A 313 22.10 2.61 3.87
C LEU A 313 23.33 2.42 3.00
N GLN A 314 23.24 2.76 1.71
CA GLN A 314 24.41 2.63 0.83
C GLN A 314 25.52 3.59 1.24
N GLN A 315 25.16 4.80 1.69
CA GLN A 315 26.18 5.73 2.14
C GLN A 315 26.87 5.21 3.40
N LEU A 316 26.09 4.67 4.35
CA LEU A 316 26.72 3.97 5.48
C LEU A 316 27.65 2.87 5.00
N GLY A 317 27.24 2.16 3.96
CA GLY A 317 27.89 0.94 3.53
C GLY A 317 27.22 -0.26 4.17
N GLN A 318 26.57 -1.10 3.35
CA GLN A 318 25.87 -2.27 3.87
C GLN A 318 26.81 -3.24 4.57
N GLU A 319 28.05 -3.36 4.09
CA GLU A 319 29.01 -4.24 4.74
CA GLU A 319 29.00 -4.24 4.74
C GLU A 319 29.42 -3.71 6.11
N ASN A 320 29.46 -2.38 6.28
CA ASN A 320 29.73 -1.80 7.58
C ASN A 320 28.57 -2.07 8.54
N VAL A 321 27.34 -1.94 8.06
CA VAL A 321 26.16 -2.30 8.85
C VAL A 321 26.25 -3.75 9.32
N GLU A 322 26.55 -4.67 8.39
CA GLU A 322 26.66 -6.08 8.74
C GLU A 322 27.72 -6.31 9.82
N ALA A 323 28.90 -5.69 9.67
CA ALA A 323 29.97 -5.87 10.66
C ALA A 323 29.58 -5.28 12.01
N ARG A 324 28.96 -4.11 12.00
CA ARG A 324 28.49 -3.48 13.23
C ARG A 324 27.48 -4.36 13.96
N GLU A 325 26.52 -4.92 13.22
CA GLU A 325 25.51 -5.73 13.87
C GLU A 325 26.06 -7.08 14.31
N ALA A 326 27.08 -7.59 13.64
CA ALA A 326 27.74 -8.82 14.10
C ALA A 326 28.51 -8.60 15.38
N GLU A 327 29.06 -7.39 15.56
CA GLU A 327 29.71 -7.05 16.82
C GLU A 327 28.68 -6.93 17.96
N LEU A 328 27.56 -6.25 17.69
CA LEU A 328 26.46 -6.20 18.65
C LEU A 328 25.97 -7.61 18.97
N LEU A 329 25.74 -8.45 17.93
CA LEU A 329 25.25 -9.81 18.17
C LEU A 329 26.21 -10.61 19.04
N ALA A 330 27.52 -10.50 18.81
CA ALA A 330 28.45 -11.31 19.58
C ALA A 330 28.44 -10.91 21.04
N HIS A 331 28.36 -9.61 21.32
CA HIS A 331 28.27 -9.12 22.70
C HIS A 331 27.02 -9.64 23.38
N PHE A 332 25.88 -9.46 22.72
CA PHE A 332 24.59 -9.86 23.27
C PHE A 332 24.54 -11.37 23.52
N THR A 333 24.99 -12.16 22.55
CA THR A 333 24.99 -13.60 22.70
C THR A 333 25.95 -14.06 23.79
N GLU A 334 27.15 -13.47 23.85
CA GLU A 334 28.09 -13.85 24.89
C GLU A 334 27.49 -13.62 26.28
N GLU A 335 26.79 -12.49 26.47
CA GLU A 335 26.19 -12.24 27.79
C GLU A 335 24.96 -13.10 28.02
N LEU A 336 24.16 -13.34 26.99
CA LEU A 336 22.95 -14.12 27.14
C LEU A 336 23.24 -15.57 27.49
N ARG A 337 24.39 -16.10 27.04
CA ARG A 337 24.80 -17.47 27.36
C ARG A 337 25.13 -17.67 28.84
N ARG A 338 25.39 -16.59 29.58
CA ARG A 338 25.67 -16.74 31.01
C ARG A 338 24.41 -16.86 31.85
N VAL A 339 23.22 -16.71 31.25
CA VAL A 339 21.96 -16.79 31.98
C VAL A 339 21.63 -18.26 32.25
N ASP A 340 21.51 -18.61 33.53
CA ASP A 340 21.13 -19.98 33.88
C ASP A 340 19.76 -20.31 33.30
N GLY A 341 19.66 -21.49 32.69
CA GLY A 341 18.39 -21.99 32.20
C GLY A 341 17.93 -21.39 30.90
N LEU A 342 18.77 -20.61 30.23
CA LEU A 342 18.40 -19.98 28.98
C LEU A 342 18.84 -20.87 27.84
N ARG A 343 18.07 -20.83 26.75
CA ARG A 343 18.51 -21.46 25.52
C ARG A 343 18.10 -20.58 24.34
N ILE A 344 18.96 -20.59 23.33
CA ILE A 344 18.76 -19.83 22.12
C ILE A 344 18.14 -20.74 21.08
N ILE A 345 17.08 -20.28 20.44
CA ILE A 345 16.47 -20.95 19.30
C ILE A 345 17.04 -20.30 18.05
N GLY A 346 17.86 -21.03 17.31
CA GLY A 346 18.56 -20.45 16.18
C GLY A 346 20.02 -20.19 16.47
N GLU A 347 20.84 -21.24 16.33
CA GLU A 347 22.27 -21.20 16.62
C GLU A 347 23.07 -21.53 15.37
N ALA A 348 22.60 -21.07 14.21
CA ALA A 348 23.27 -21.38 12.95
C ALA A 348 24.63 -20.70 12.88
N PRO A 349 25.55 -21.25 12.08
CA PRO A 349 26.90 -20.64 12.00
C PRO A 349 26.92 -19.26 11.39
N GLU A 350 25.98 -18.90 10.52
CA GLU A 350 25.85 -17.52 10.08
C GLU A 350 24.45 -17.01 10.35
N LYS A 351 24.35 -15.89 11.06
CA LYS A 351 23.05 -15.33 11.36
C LYS A 351 23.13 -13.82 11.53
N ALA A 352 22.00 -13.17 11.28
CA ALA A 352 21.85 -11.75 11.57
C ALA A 352 21.54 -11.58 13.06
N ALA A 353 21.54 -10.32 13.51
CA ALA A 353 21.43 -10.01 14.93
C ALA A 353 19.99 -10.16 15.42
N VAL A 354 19.48 -11.39 15.32
CA VAL A 354 18.16 -11.78 15.81
C VAL A 354 18.36 -12.93 16.78
N VAL A 355 17.92 -12.76 18.01
CA VAL A 355 18.11 -13.77 19.04
C VAL A 355 16.76 -14.11 19.63
N SER A 356 16.28 -15.35 19.37
CA SER A 356 15.09 -15.88 20.01
C SER A 356 15.54 -16.77 21.16
N PHE A 357 14.91 -16.61 22.33
CA PHE A 357 15.38 -17.38 23.46
C PHE A 357 14.22 -17.70 24.37
N LEU A 358 14.45 -18.71 25.21
CA LEU A 358 13.54 -19.15 26.26
C LEU A 358 14.33 -19.30 27.55
N ILE A 359 13.65 -19.15 28.68
CA ILE A 359 14.26 -19.36 29.98
C ILE A 359 13.39 -20.33 30.76
N ASP A 360 13.99 -21.42 31.22
CA ASP A 360 13.27 -22.42 31.98
C ASP A 360 12.55 -21.79 33.15
N GLY A 361 11.29 -22.19 33.34
CA GLY A 361 10.50 -21.67 34.43
C GLY A 361 10.08 -20.22 34.28
N ALA A 362 10.16 -19.68 33.07
CA ALA A 362 9.69 -18.32 32.79
C ALA A 362 8.94 -18.31 31.47
N HIS A 363 7.73 -17.75 31.49
CA HIS A 363 6.93 -17.66 30.28
C HIS A 363 7.43 -16.50 29.42
N ALA A 364 7.61 -16.76 28.12
CA ALA A 364 8.15 -15.75 27.23
C ALA A 364 7.32 -14.47 27.24
N HIS A 365 6.00 -14.58 27.43
CA HIS A 365 5.16 -13.40 27.41
C HIS A 365 5.30 -12.58 28.68
N ASP A 366 5.51 -13.24 29.82
CA ASP A 366 5.87 -12.52 31.03
C ASP A 366 7.19 -11.79 30.87
N LEU A 367 8.18 -12.43 30.25
CA LEU A 367 9.46 -11.79 30.00
C LEU A 367 9.30 -10.52 29.16
N ALA A 368 8.52 -10.60 28.09
CA ALA A 368 8.30 -9.41 27.26
C ALA A 368 7.54 -8.34 28.04
N THR A 369 6.52 -8.74 28.82
CA THR A 369 5.71 -7.77 29.54
C THR A 369 6.53 -7.03 30.59
N LEU A 370 7.33 -7.77 31.36
CA LEU A 370 8.13 -7.12 32.38
C LEU A 370 9.31 -6.36 31.79
N LEU A 371 9.85 -6.82 30.66
CA LEU A 371 10.96 -6.08 30.06
C LEU A 371 10.48 -4.73 29.55
N ASP A 372 9.25 -4.69 28.99
CA ASP A 372 8.65 -3.43 28.57
C ASP A 372 8.60 -2.42 29.72
N LEU A 373 8.18 -2.87 30.91
CA LEU A 373 8.14 -1.97 32.06
C LEU A 373 9.52 -1.48 32.47
N GLU A 374 10.58 -2.14 32.02
CA GLU A 374 11.93 -1.66 32.23
C GLU A 374 12.44 -0.82 31.06
N GLY A 375 11.55 -0.45 30.13
CA GLY A 375 11.91 0.34 28.98
C GLY A 375 12.34 -0.44 27.77
N VAL A 376 12.41 -1.77 27.85
CA VAL A 376 13.03 -2.59 26.80
C VAL A 376 11.94 -3.17 25.92
N ALA A 377 11.98 -2.88 24.61
CA ALA A 377 11.02 -3.40 23.66
C ALA A 377 11.57 -4.66 23.00
N VAL A 378 10.95 -5.81 23.31
CA VAL A 378 11.17 -7.09 22.62
C VAL A 378 9.81 -7.63 22.20
N ARG A 379 9.82 -8.76 21.51
CA ARG A 379 8.58 -9.39 21.10
C ARG A 379 8.54 -10.85 21.53
N SER A 380 7.49 -11.21 22.25
CA SER A 380 7.19 -12.59 22.58
C SER A 380 5.97 -13.05 21.79
N GLY A 381 6.02 -14.26 21.28
CA GLY A 381 4.93 -14.78 20.50
C GLY A 381 5.46 -15.79 19.50
N GLN A 382 4.74 -15.95 18.39
CA GLN A 382 5.14 -16.91 17.37
C GLN A 382 5.69 -16.26 16.13
N HIS A 383 5.66 -14.93 16.05
CA HIS A 383 6.36 -14.17 15.02
C HIS A 383 5.90 -14.51 13.61
N CSO A 384 4.60 -14.77 13.45
CA CSO A 384 4.05 -15.19 12.18
CB CSO A 384 3.87 -13.98 11.24
SG CSO A 384 2.51 -12.96 11.88
C CSO A 384 4.88 -16.30 11.51
O CSO A 384 5.09 -16.28 10.29
OD CSO A 384 0.95 -13.90 11.77
N ALA A 385 5.34 -17.25 12.33
CA ALA A 385 5.99 -18.46 11.82
C ALA A 385 5.54 -19.70 12.60
N HIS A 386 4.25 -20.02 12.54
CA HIS A 386 3.72 -21.10 13.38
C HIS A 386 4.34 -22.46 13.09
N PRO A 387 4.57 -22.87 11.84
CA PRO A 387 5.20 -24.19 11.63
C PRO A 387 6.59 -24.29 12.19
N LEU A 388 7.35 -23.19 12.14
CA LEU A 388 8.70 -23.19 12.70
C LEU A 388 8.67 -23.41 14.20
N LEU A 389 7.79 -22.70 14.90
CA LEU A 389 7.71 -22.90 16.34
C LEU A 389 7.15 -24.27 16.68
N GLN A 390 6.31 -24.82 15.82
CA GLN A 390 5.78 -26.16 16.04
C GLN A 390 6.90 -27.19 15.98
N TYR A 391 7.80 -27.04 15.00
CA TYR A 391 8.97 -27.92 14.92
C TYR A 391 9.82 -27.84 16.19
N PHE A 392 10.02 -26.63 16.72
CA PHE A 392 10.79 -26.53 17.95
C PHE A 392 10.00 -26.96 19.18
N GLY A 393 8.70 -27.17 19.05
CA GLY A 393 7.91 -27.68 20.16
C GLY A 393 7.59 -26.67 21.24
N VAL A 394 7.56 -25.38 20.90
CA VAL A 394 7.35 -24.34 21.90
C VAL A 394 6.21 -23.44 21.47
N ALA A 395 5.51 -22.89 22.47
CA ALA A 395 4.38 -22.00 22.20
C ALA A 395 4.82 -20.57 21.86
N ALA A 396 6.02 -20.16 22.26
CA ALA A 396 6.48 -18.82 21.94
C ALA A 396 7.97 -18.73 22.18
N THR A 397 8.62 -17.78 21.50
CA THR A 397 9.96 -17.35 21.89
C THR A 397 9.95 -15.88 22.23
N CYS A 398 10.85 -15.49 23.12
CA CYS A 398 11.17 -14.08 23.32
C CYS A 398 12.28 -13.71 22.35
N ARG A 399 12.06 -12.68 21.54
CA ARG A 399 12.99 -12.35 20.47
C ARG A 399 13.51 -10.93 20.67
N ALA A 400 14.82 -10.79 20.85
CA ALA A 400 15.46 -9.49 20.79
C ALA A 400 16.17 -9.38 19.45
N SER A 401 15.90 -8.30 18.72
CA SER A 401 16.50 -8.15 17.41
C SER A 401 17.13 -6.77 17.33
N LEU A 402 18.38 -6.72 16.91
CA LEU A 402 19.21 -5.54 17.04
C LEU A 402 19.50 -4.90 15.69
N ALA A 403 19.73 -3.60 15.71
CA ALA A 403 20.08 -2.85 14.52
C ALA A 403 21.32 -2.01 14.81
N PHE A 404 21.95 -1.50 13.75
CA PHE A 404 23.21 -0.78 13.87
C PHE A 404 23.13 0.45 14.78
N TYR A 405 21.94 1.04 14.97
CA TYR A 405 21.80 2.17 15.87
C TYR A 405 21.65 1.77 17.33
N ASN A 406 21.53 0.49 17.63
CA ASN A 406 21.61 0.04 19.02
C ASN A 406 23.06 0.12 19.51
N THR A 407 23.25 0.05 20.82
CA THR A 407 24.57 0.27 21.40
C THR A 407 24.99 -0.83 22.36
N HIS A 408 26.30 -0.95 22.55
CA HIS A 408 26.82 -1.89 23.52
C HIS A 408 26.33 -1.57 24.92
N ALA A 409 26.13 -0.30 25.25
CA ALA A 409 25.63 0.07 26.57
C ALA A 409 24.20 -0.39 26.76
N GLU A 410 23.37 -0.31 25.70
CA GLU A 410 22.02 -0.84 25.77
C GLU A 410 22.02 -2.35 26.04
N ILE A 411 22.94 -3.09 25.41
CA ILE A 411 23.07 -4.52 25.67
C ILE A 411 23.40 -4.78 27.14
N GLU A 412 24.30 -4.00 27.73
CA GLU A 412 24.58 -4.20 29.15
C GLU A 412 23.37 -3.85 30.00
N ARG A 413 22.61 -2.84 29.60
CA ARG A 413 21.39 -2.49 30.31
C ARG A 413 20.33 -3.59 30.16
N PHE A 414 20.25 -4.20 28.97
CA PHE A 414 19.31 -5.31 28.75
C PHE A 414 19.60 -6.47 29.71
N MET A 415 20.86 -6.83 29.88
CA MET A 415 21.21 -7.94 30.76
C MET A 415 20.87 -7.63 32.21
N THR A 416 21.05 -6.37 32.63
CA THR A 416 20.62 -5.97 33.96
C THR A 416 19.11 -6.07 34.11
N ALA A 417 18.35 -5.64 33.09
CA ALA A 417 16.90 -5.74 33.17
C ALA A 417 16.45 -7.20 33.17
N LEU A 418 17.05 -8.05 32.33
CA LEU A 418 16.65 -9.46 32.28
C LEU A 418 16.83 -10.12 33.62
N THR A 419 17.96 -9.87 34.29
CA THR A 419 18.21 -10.43 35.60
C THR A 419 17.17 -9.95 36.61
N LYS A 420 16.83 -8.67 36.58
CA LYS A 420 15.81 -8.16 37.49
C LYS A 420 14.44 -8.75 37.19
N VAL A 421 14.10 -8.84 35.91
CA VAL A 421 12.81 -9.40 35.52
C VAL A 421 12.73 -10.86 35.89
N ARG A 422 13.77 -11.62 35.57
CA ARG A 422 13.77 -13.04 35.89
C ARG A 422 13.65 -13.26 37.40
N LYS A 423 14.29 -12.40 38.20
CA LYS A 423 14.11 -12.50 39.64
C LYS A 423 12.68 -12.16 40.07
N LEU A 424 12.01 -11.27 39.35
CA LEU A 424 10.61 -10.97 39.65
C LEU A 424 9.70 -12.15 39.35
N LEU A 425 10.09 -13.04 38.43
CA LEU A 425 9.32 -14.22 38.10
C LEU A 425 9.82 -15.48 38.81
N GLY A 426 10.77 -15.35 39.73
CA GLY A 426 11.35 -16.48 40.41
C GLY A 426 10.44 -17.12 41.43
N ALA B 23 -21.15 27.46 9.94
CA ALA B 23 -20.32 28.16 8.97
C ALA B 23 -18.87 28.23 9.45
N PRO B 24 -17.92 27.81 8.60
CA PRO B 24 -16.50 27.92 8.95
C PRO B 24 -15.83 29.13 8.32
N ASP B 25 -14.78 29.64 8.99
CA ASP B 25 -13.96 30.72 8.46
C ASP B 25 -13.03 30.12 7.42
N TRP B 26 -13.35 30.33 6.14
CA TRP B 26 -12.64 29.62 5.08
C TRP B 26 -11.22 30.16 4.87
N ASP B 27 -10.99 31.44 5.14
CA ASP B 27 -9.64 31.99 5.08
C ASP B 27 -8.74 31.31 6.11
N ARG B 28 -9.25 31.09 7.32
CA ARG B 28 -8.46 30.41 8.33
C ARG B 28 -8.26 28.94 7.98
N VAL B 29 -9.24 28.31 7.31
CA VAL B 29 -9.11 26.91 6.92
C VAL B 29 -7.96 26.73 5.93
N ARG B 30 -7.89 27.60 4.90
CA ARG B 30 -6.83 27.52 3.90
C ARG B 30 -5.44 27.66 4.52
N LEU B 31 -5.31 28.39 5.63
CA LEU B 31 -3.99 28.53 6.25
C LEU B 31 -3.49 27.23 6.87
N ASP B 32 -4.36 26.25 7.05
CA ASP B 32 -3.93 24.94 7.55
C ASP B 32 -3.10 24.17 6.55
N PHE B 33 -3.06 24.60 5.29
CA PHE B 33 -2.43 23.84 4.21
C PHE B 33 -1.12 24.50 3.82
N PRO B 34 0.02 24.06 4.37
CA PRO B 34 1.25 24.84 4.19
C PRO B 34 1.75 24.89 2.76
N LEU B 35 1.45 23.90 1.93
CA LEU B 35 1.98 23.88 0.56
C LEU B 35 1.46 25.04 -0.28
N LEU B 36 0.21 25.45 -0.06
CA LEU B 36 -0.39 26.53 -0.83
C LEU B 36 0.39 27.84 -0.74
N MET B 37 1.35 27.95 0.19
CA MET B 37 2.17 29.15 0.35
C MET B 37 3.28 29.24 -0.69
N ARG B 38 3.62 28.15 -1.37
CA ARG B 38 4.81 28.15 -2.21
C ARG B 38 4.56 28.85 -3.55
N GLU B 39 5.66 29.16 -4.22
CA GLU B 39 5.65 29.78 -5.53
C GLU B 39 6.03 28.77 -6.60
N VAL B 40 5.60 29.06 -7.83
CA VAL B 40 5.95 28.25 -8.99
C VAL B 40 6.39 29.22 -10.08
N HIS B 41 7.61 29.04 -10.57
CA HIS B 41 8.20 29.96 -11.56
C HIS B 41 8.11 31.41 -11.09
N GLY B 42 8.29 31.62 -9.79
CA GLY B 42 8.24 32.97 -9.26
C GLY B 42 6.87 33.58 -9.21
N LYS B 43 5.83 32.84 -9.56
CA LYS B 43 4.46 33.27 -9.42
C LYS B 43 3.78 32.48 -8.31
N PRO B 44 2.71 33.01 -7.72
CA PRO B 44 1.97 32.23 -6.72
C PRO B 44 1.43 30.94 -7.31
N LEU B 45 1.39 29.89 -6.50
CA LEU B 45 0.81 28.63 -6.95
C LEU B 45 -0.71 28.69 -6.90
N VAL B 46 -1.34 28.27 -7.99
CA VAL B 46 -2.80 28.11 -8.04
C VAL B 46 -3.05 26.65 -8.38
N TYR B 47 -3.35 25.84 -7.36
CA TYR B 47 -3.43 24.39 -7.52
C TYR B 47 -4.87 24.01 -7.85
N PHE B 48 -5.15 23.84 -9.14
CA PHE B 48 -6.47 23.46 -9.62
C PHE B 48 -6.44 22.04 -10.17
N ASP B 49 -5.63 21.17 -9.54
CA ASP B 49 -5.53 19.77 -9.93
C ASP B 49 -5.87 18.84 -8.75
N ASN B 50 -6.89 19.22 -7.98
CA ASN B 50 -7.22 18.48 -6.76
C ASN B 50 -7.82 17.12 -7.07
N ALA B 51 -8.47 16.97 -8.22
CA ALA B 51 -9.01 15.67 -8.62
C ALA B 51 -7.89 14.67 -8.92
N ASN B 52 -6.68 15.14 -9.24
CA ASN B 52 -5.54 14.25 -9.40
C ASN B 52 -5.05 13.75 -8.05
N THR B 53 -4.82 14.68 -7.12
CA THR B 53 -4.56 14.40 -5.71
C THR B 53 -4.82 15.67 -4.93
N GLY B 54 -5.26 15.52 -3.68
CA GLY B 54 -5.51 16.66 -2.83
C GLY B 54 -4.32 17.05 -1.97
N GLN B 55 -4.34 18.28 -1.46
CA GLN B 55 -3.27 18.75 -0.61
C GLN B 55 -3.63 18.45 0.85
N LYS B 56 -2.61 18.57 1.72
CA LYS B 56 -2.83 18.02 3.05
C LYS B 56 -2.84 19.13 4.09
N PRO B 57 -3.72 19.05 5.10
CA PRO B 57 -3.64 19.98 6.22
C PRO B 57 -2.49 19.61 7.15
N VAL B 58 -2.03 20.62 7.90
CA VAL B 58 -0.87 20.43 8.74
C VAL B 58 -1.13 19.40 9.84
N GLN B 59 -2.40 19.21 10.23
CA GLN B 59 -2.74 18.19 11.21
C GLN B 59 -2.41 16.79 10.69
N VAL B 60 -2.61 16.56 9.39
CA VAL B 60 -2.31 15.26 8.78
C VAL B 60 -0.81 15.09 8.62
N ILE B 61 -0.14 16.10 8.08
CA ILE B 61 1.29 16.03 7.83
C ILE B 61 2.04 15.79 9.13
N GLY B 62 1.68 16.53 10.18
CA GLY B 62 2.31 16.33 11.48
C GLY B 62 1.92 15.03 12.15
N ALA B 63 0.76 14.48 11.81
CA ALA B 63 0.40 13.17 12.36
C ALA B 63 1.35 12.09 11.84
N VAL B 64 1.64 12.12 10.54
CA VAL B 64 2.56 11.16 9.96
C VAL B 64 3.97 11.37 10.51
N ASP B 65 4.39 12.64 10.62
CA ASP B 65 5.72 12.95 11.11
C ASP B 65 5.87 12.54 12.57
N GLU B 66 4.83 12.77 13.37
CA GLU B 66 4.87 12.42 14.79
C GLU B 66 4.96 10.90 14.98
N PHE B 67 4.29 10.14 14.11
CA PHE B 67 4.36 8.69 14.19
C PHE B 67 5.79 8.21 14.04
N TYR B 68 6.47 8.65 12.97
CA TYR B 68 7.83 8.16 12.76
C TYR B 68 8.77 8.64 13.86
N ARG B 69 8.53 9.84 14.41
CA ARG B 69 9.45 10.40 15.39
C ARG B 69 9.22 9.87 16.80
N ARG B 70 8.01 9.42 17.12
CA ARG B 70 7.60 9.27 18.51
C ARG B 70 7.00 7.93 18.88
N TYR B 71 6.41 7.18 17.96
CA TYR B 71 5.89 5.87 18.38
C TYR B 71 5.82 4.90 17.21
N ASN B 72 6.82 4.95 16.34
CA ASN B 72 6.93 3.99 15.26
C ASN B 72 7.21 2.58 15.81
N ALA B 73 6.28 1.67 15.57
CA ALA B 73 6.33 0.26 15.94
C ALA B 73 5.27 -0.45 15.13
N ASN B 74 5.28 -1.79 15.17
CA ASN B 74 4.28 -2.54 14.43
C ASN B 74 3.00 -2.67 15.26
N VAL B 75 1.92 -3.10 14.62
CA VAL B 75 0.61 -3.13 15.25
C VAL B 75 0.16 -4.59 15.44
N SER B 76 -0.98 -4.74 16.12
CA SER B 76 -1.62 -6.02 16.46
C SER B 76 -0.79 -6.87 17.42
N ARG B 77 -1.47 -7.72 18.20
CA ARG B 77 -0.84 -8.50 19.27
CA ARG B 77 -0.86 -8.49 19.28
C ARG B 77 0.21 -7.65 19.98
N ALA B 78 -0.18 -6.42 20.32
CA ALA B 78 0.74 -5.45 20.89
C ALA B 78 1.28 -5.94 22.22
N VAL B 79 2.60 -5.86 22.36
CA VAL B 79 3.24 -6.09 23.65
C VAL B 79 3.62 -4.72 24.20
N HIS B 80 4.74 -4.20 23.72
CA HIS B 80 5.43 -3.12 24.39
C HIS B 80 4.73 -1.78 24.16
N ALA B 81 5.18 -0.78 24.92
CA ALA B 81 4.48 0.50 24.96
C ALA B 81 4.26 1.08 23.57
N LEU B 82 5.32 1.16 22.76
CA LEU B 82 5.16 1.78 21.43
C LEU B 82 4.24 0.97 20.54
N GLY B 83 4.34 -0.36 20.58
CA GLY B 83 3.41 -1.18 19.80
C GLY B 83 1.97 -0.94 20.19
N SER B 84 1.70 -0.79 21.48
CA SER B 84 0.36 -0.49 21.94
CA SER B 84 0.35 -0.49 21.94
C SER B 84 -0.10 0.87 21.44
N GLU B 85 0.75 1.89 21.57
CA GLU B 85 0.40 3.21 21.06
C GLU B 85 0.11 3.17 19.57
N ALA B 86 0.95 2.46 18.81
CA ALA B 86 0.76 2.36 17.37
C ALA B 86 -0.54 1.66 17.03
N THR B 87 -0.87 0.59 17.77
CA THR B 87 -2.10 -0.14 17.51
C THR B 87 -3.33 0.71 17.81
N ASP B 88 -3.31 1.41 18.95
CA ASP B 88 -4.45 2.27 19.28
C ASP B 88 -4.65 3.36 18.24
N ALA B 89 -3.56 3.94 17.75
CA ALA B 89 -3.68 4.97 16.73
C ALA B 89 -4.21 4.40 15.42
N TYR B 90 -3.74 3.21 15.05
CA TYR B 90 -4.11 2.62 13.76
C TYR B 90 -5.57 2.17 13.76
N GLU B 91 -5.96 1.39 14.78
CA GLU B 91 -7.37 1.03 14.88
C GLU B 91 -8.23 2.23 15.19
N GLY B 92 -7.68 3.24 15.90
CA GLY B 92 -8.42 4.48 16.07
C GLY B 92 -8.74 5.15 14.75
N ALA B 93 -7.82 5.05 13.77
CA ALA B 93 -8.04 5.66 12.47
C ALA B 93 -9.13 4.96 11.71
N ARG B 94 -9.21 3.62 11.84
CA ARG B 94 -10.30 2.88 11.24
C ARG B 94 -11.65 3.31 11.80
N ASN B 95 -11.70 3.60 13.10
CA ASN B 95 -12.98 4.01 13.70
C ASN B 95 -13.36 5.41 13.27
N THR B 96 -12.38 6.29 13.11
CA THR B 96 -12.67 7.65 12.66
C THR B 96 -13.13 7.66 11.21
N LEU B 97 -12.50 6.85 10.37
CA LEU B 97 -12.94 6.76 8.98
C LEU B 97 -14.35 6.17 8.92
N ALA B 98 -14.63 5.17 9.75
CA ALA B 98 -15.94 4.54 9.76
C ALA B 98 -17.04 5.55 10.10
N ARG B 99 -16.78 6.41 11.09
CA ARG B 99 -17.76 7.45 11.43
C ARG B 99 -17.92 8.44 10.29
N PHE B 100 -16.80 8.76 9.61
CA PHE B 100 -16.84 9.62 8.43
C PHE B 100 -17.82 9.11 7.38
N LEU B 101 -17.85 7.80 7.16
CA LEU B 101 -18.70 7.16 6.18
C LEU B 101 -20.02 6.69 6.76
N ASN B 102 -20.20 6.80 8.08
CA ASN B 102 -21.39 6.30 8.80
C ASN B 102 -21.57 4.79 8.60
N VAL B 103 -20.48 4.04 8.77
CA VAL B 103 -20.49 2.59 8.67
C VAL B 103 -19.82 2.00 9.91
N ARG B 104 -19.99 0.71 10.10
CA ARG B 104 -19.29 0.10 11.21
C ARG B 104 -17.85 -0.19 10.82
N PRO B 105 -16.89 0.04 11.73
CA PRO B 105 -15.49 -0.21 11.39
C PRO B 105 -15.19 -1.67 11.10
N SER B 106 -15.97 -2.58 11.68
CA SER B 106 -15.80 -4.01 11.42
C SER B 106 -16.05 -4.37 9.96
N ASP B 107 -16.80 -3.55 9.23
CA ASP B 107 -17.10 -3.78 7.83
C ASP B 107 -16.26 -2.94 6.89
N LEU B 108 -15.18 -2.33 7.38
CA LEU B 108 -14.36 -1.40 6.61
C LEU B 108 -12.96 -1.99 6.48
N VAL B 109 -12.61 -2.36 5.25
CA VAL B 109 -11.30 -2.94 4.95
C VAL B 109 -10.38 -1.82 4.49
N LEU B 110 -9.23 -1.69 5.17
CA LEU B 110 -8.24 -0.67 4.83
C LEU B 110 -7.26 -1.23 3.80
N CYS B 111 -6.97 -0.43 2.77
CA CYS B 111 -6.08 -0.87 1.69
C CYS B 111 -5.40 0.35 1.07
N SER B 112 -4.67 0.14 -0.02
CA SER B 112 -3.74 1.15 -0.52
C SER B 112 -4.39 2.17 -1.45
N GLY B 113 -5.69 2.10 -1.65
CA GLY B 113 -6.40 3.03 -2.51
C GLY B 113 -7.66 2.41 -3.07
N THR B 114 -8.42 3.23 -3.80
CA THR B 114 -9.62 2.74 -4.47
C THR B 114 -9.29 1.57 -5.38
N THR B 115 -8.18 1.68 -6.12
CA THR B 115 -7.83 0.66 -7.10
C THR B 115 -7.75 -0.72 -6.44
N PHE B 116 -7.05 -0.80 -5.30
CA PHE B 116 -6.99 -2.08 -4.59
C PHE B 116 -8.36 -2.50 -4.09
N ALA B 117 -9.12 -1.56 -3.51
CA ALA B 117 -10.46 -1.86 -3.04
C ALA B 117 -11.32 -2.54 -4.10
N ILE B 118 -11.31 -2.00 -5.33
CA ILE B 118 -12.16 -2.58 -6.37
C ILE B 118 -11.62 -3.94 -6.81
N ASN B 119 -10.30 -4.07 -6.91
CA ASN B 119 -9.72 -5.36 -7.31
C ASN B 119 -10.02 -6.46 -6.30
N LEU B 120 -10.10 -6.11 -5.01
CA LEU B 120 -10.51 -7.10 -4.02
C LEU B 120 -11.91 -7.61 -4.31
N VAL B 121 -12.84 -6.72 -4.66
CA VAL B 121 -14.15 -7.16 -5.12
C VAL B 121 -14.02 -8.06 -6.34
N ALA B 122 -13.21 -7.63 -7.32
CA ALA B 122 -13.09 -8.40 -8.57
C ALA B 122 -12.57 -9.81 -8.30
N TYR B 123 -11.53 -9.93 -7.47
CA TYR B 123 -10.89 -11.23 -7.27
C TYR B 123 -11.64 -12.11 -6.29
N SER B 124 -12.22 -11.54 -5.22
CA SER B 124 -12.82 -12.39 -4.18
C SER B 124 -14.34 -12.47 -4.24
N TRP B 125 -15.02 -11.53 -4.90
CA TRP B 125 -16.45 -11.67 -5.13
C TRP B 125 -16.75 -12.23 -6.52
N ALA B 126 -16.31 -11.54 -7.57
CA ALA B 126 -16.74 -11.86 -8.93
C ALA B 126 -16.01 -13.08 -9.48
N LEU B 127 -14.69 -13.13 -9.32
CA LEU B 127 -13.92 -14.24 -9.90
C LEU B 127 -14.44 -15.61 -9.47
N PRO B 128 -14.71 -15.88 -8.19
CA PRO B 128 -15.26 -17.20 -7.84
C PRO B 128 -16.73 -17.40 -8.19
N ARG B 129 -17.45 -16.36 -8.62
CA ARG B 129 -18.90 -16.46 -8.81
C ARG B 129 -19.36 -16.37 -10.26
N LEU B 130 -18.77 -15.52 -11.08
CA LEU B 130 -19.34 -15.29 -12.40
C LEU B 130 -18.97 -16.41 -13.37
N LYS B 131 -19.85 -16.65 -14.33
CA LYS B 131 -19.59 -17.65 -15.33
C LYS B 131 -19.96 -17.10 -16.70
N ALA B 132 -19.58 -17.84 -17.73
CA ALA B 132 -19.92 -17.44 -19.09
C ALA B 132 -21.43 -17.27 -19.22
N GLY B 133 -21.84 -16.19 -19.89
CA GLY B 133 -23.23 -15.81 -19.99
C GLY B 133 -23.62 -14.67 -19.05
N ASP B 134 -22.96 -14.57 -17.90
CA ASP B 134 -23.23 -13.47 -16.98
C ASP B 134 -22.73 -12.15 -17.57
N VAL B 135 -23.38 -11.08 -17.17
CA VAL B 135 -23.07 -9.74 -17.68
C VAL B 135 -22.63 -8.86 -16.53
N ILE B 136 -21.51 -8.16 -16.73
CA ILE B 136 -21.07 -7.08 -15.85
C ILE B 136 -21.42 -5.77 -16.54
N LEU B 137 -22.18 -4.94 -15.85
CA LEU B 137 -22.65 -3.67 -16.42
C LEU B 137 -21.79 -2.56 -15.84
N ILE B 138 -21.15 -1.78 -16.71
CA ILE B 138 -20.21 -0.73 -16.33
C ILE B 138 -20.62 0.55 -17.03
N THR B 139 -20.65 1.67 -16.30
CA THR B 139 -21.10 2.91 -16.93
C THR B 139 -20.01 3.50 -17.82
N ARG B 140 -20.46 4.24 -18.84
CA ARG B 140 -19.57 4.93 -19.77
C ARG B 140 -18.60 5.88 -19.09
N MET B 141 -18.91 6.37 -17.90
CA MET B 141 -18.12 7.41 -17.26
C MET B 141 -17.19 6.90 -16.18
N GLU B 142 -17.08 5.58 -16.04
CA GLU B 142 -16.24 4.99 -15.00
C GLU B 142 -14.76 5.30 -15.22
N HIS B 143 -14.03 5.39 -14.12
CA HIS B 143 -12.59 5.50 -14.16
C HIS B 143 -12.02 4.11 -14.41
N HIS B 144 -10.81 4.07 -15.00
CA HIS B 144 -10.16 2.79 -15.26
C HIS B 144 -10.15 1.88 -14.02
N ALA B 145 -10.07 2.47 -12.83
CA ALA B 145 -10.13 1.66 -11.62
C ALA B 145 -11.40 0.83 -11.55
N ASN B 146 -12.50 1.31 -12.14
CA ASN B 146 -13.75 0.58 -12.12
C ASN B 146 -14.08 -0.03 -13.48
N ILE B 147 -13.07 -0.27 -14.30
CA ILE B 147 -13.26 -0.93 -15.59
C ILE B 147 -12.30 -2.12 -15.69
N VAL B 148 -11.01 -1.85 -15.57
CA VAL B 148 -9.99 -2.87 -15.85
C VAL B 148 -10.15 -4.10 -14.96
N PRO B 149 -10.40 -3.99 -13.64
CA PRO B 149 -10.63 -5.22 -12.88
C PRO B 149 -11.72 -6.09 -13.47
N TRP B 150 -12.79 -5.47 -13.98
CA TRP B 150 -13.88 -6.28 -14.52
C TRP B 150 -13.49 -6.90 -15.86
N GLN B 151 -12.59 -6.25 -16.60
CA GLN B 151 -12.06 -6.85 -17.82
C GLN B 151 -11.16 -8.04 -17.52
N LEU B 152 -10.44 -8.01 -16.41
CA LEU B 152 -9.70 -9.20 -16.01
C LEU B 152 -10.64 -10.33 -15.62
N VAL B 153 -11.77 -10.01 -14.96
CA VAL B 153 -12.73 -11.03 -14.57
C VAL B 153 -13.38 -11.68 -15.79
N ALA B 154 -13.79 -10.86 -16.76
CA ALA B 154 -14.33 -11.40 -18.00
C ALA B 154 -13.31 -12.26 -18.72
N GLN B 155 -12.04 -11.87 -18.68
CA GLN B 155 -10.98 -12.62 -19.34
C GLN B 155 -10.80 -14.01 -18.76
N ARG B 156 -11.15 -14.19 -17.48
CA ARG B 156 -10.92 -15.46 -16.81
C ARG B 156 -12.18 -16.23 -16.47
N THR B 157 -13.37 -15.63 -16.65
CA THR B 157 -14.63 -16.31 -16.40
C THR B 157 -15.51 -16.47 -17.62
N GLY B 158 -15.30 -15.69 -18.68
CA GLY B 158 -16.22 -15.69 -19.78
C GLY B 158 -17.42 -14.80 -19.59
N ALA B 159 -17.50 -14.07 -18.47
CA ALA B 159 -18.53 -13.04 -18.36
C ALA B 159 -18.34 -12.00 -19.46
N THR B 160 -19.41 -11.35 -19.84
CA THR B 160 -19.35 -10.30 -20.84
C THR B 160 -19.64 -8.96 -20.18
N ILE B 161 -19.04 -7.91 -20.74
CA ILE B 161 -19.20 -6.56 -20.23
C ILE B 161 -20.16 -5.79 -21.12
N ARG B 162 -21.13 -5.12 -20.52
CA ARG B 162 -22.09 -4.28 -21.23
C ARG B 162 -22.02 -2.88 -20.66
N VAL B 163 -22.21 -1.87 -21.52
CA VAL B 163 -21.95 -0.47 -21.13
C VAL B 163 -23.27 0.22 -20.84
N ALA B 164 -23.32 0.96 -19.72
CA ALA B 164 -24.44 1.82 -19.41
C ALA B 164 -24.14 3.24 -19.91
N GLU B 165 -24.97 3.75 -20.83
CA GLU B 165 -24.60 4.95 -21.56
C GLU B 165 -24.92 6.22 -20.77
N ILE B 166 -24.37 7.33 -21.25
CA ILE B 166 -24.62 8.63 -20.68
C ILE B 166 -25.26 9.51 -21.75
N THR B 167 -25.90 10.58 -21.32
CA THR B 167 -26.43 11.57 -22.25
C THR B 167 -25.45 12.73 -22.40
N PRO B 168 -25.50 13.46 -23.53
CA PRO B 168 -24.45 14.45 -23.84
C PRO B 168 -24.20 15.52 -22.78
N ASP B 169 -25.08 15.65 -21.80
CA ASP B 169 -24.84 16.56 -20.69
C ASP B 169 -24.00 15.92 -19.58
N GLY B 170 -23.53 14.69 -19.79
CA GLY B 170 -22.71 14.00 -18.81
C GLY B 170 -23.46 13.25 -17.74
N ALA B 171 -24.79 13.20 -17.82
CA ALA B 171 -25.59 12.50 -16.84
C ALA B 171 -25.79 11.06 -17.29
N LEU B 172 -25.96 10.18 -16.31
CA LEU B 172 -26.21 8.76 -16.58
C LEU B 172 -27.63 8.57 -17.10
N ASP B 173 -27.76 7.98 -18.30
CA ASP B 173 -29.07 7.77 -18.91
C ASP B 173 -29.84 6.68 -18.15
N LEU B 174 -30.68 7.09 -17.20
CA LEU B 174 -31.37 6.12 -16.34
C LEU B 174 -32.37 5.27 -17.12
N ASP B 175 -33.02 5.83 -18.14
CA ASP B 175 -33.87 5.04 -19.01
C ASP B 175 -33.10 3.85 -19.57
N ALA B 176 -31.95 4.12 -20.19
CA ALA B 176 -31.15 3.04 -20.76
C ALA B 176 -30.59 2.12 -19.69
N LEU B 177 -30.37 2.62 -18.48
CA LEU B 177 -29.83 1.78 -17.41
C LEU B 177 -30.84 0.72 -16.99
N ARG B 178 -32.09 1.13 -16.72
CA ARG B 178 -33.12 0.15 -16.41
C ARG B 178 -33.29 -0.84 -17.54
N ALA B 179 -33.29 -0.37 -18.79
CA ALA B 179 -33.41 -1.29 -19.92
C ALA B 179 -32.21 -2.23 -20.00
N ALA B 180 -31.04 -1.78 -19.50
CA ALA B 180 -29.83 -2.59 -19.55
C ALA B 180 -29.73 -3.60 -18.41
N MET B 181 -30.52 -3.42 -17.34
CA MET B 181 -30.43 -4.29 -16.17
C MET B 181 -31.37 -5.49 -16.32
N THR B 182 -30.97 -6.39 -17.22
CA THR B 182 -31.72 -7.61 -17.50
C THR B 182 -31.29 -8.71 -16.55
N PRO B 183 -32.02 -9.84 -16.50
CA PRO B 183 -31.68 -10.89 -15.53
C PRO B 183 -30.26 -11.45 -15.65
N GLU B 184 -29.62 -11.37 -16.82
CA GLU B 184 -28.29 -11.92 -16.95
C GLU B 184 -27.21 -11.02 -16.34
N VAL B 185 -27.56 -9.79 -15.98
CA VAL B 185 -26.61 -8.88 -15.34
C VAL B 185 -26.49 -9.26 -13.88
N LYS B 186 -25.26 -9.49 -13.43
CA LYS B 186 -25.01 -9.85 -12.04
C LYS B 186 -24.28 -8.77 -11.24
N LEU B 187 -23.68 -7.78 -11.91
CA LEU B 187 -22.90 -6.77 -11.21
C LEU B 187 -22.92 -5.45 -12.00
N LEU B 188 -22.96 -4.34 -11.26
CA LEU B 188 -22.99 -2.99 -11.84
C LEU B 188 -21.87 -2.17 -11.24
N ALA B 189 -20.97 -1.66 -12.08
CA ALA B 189 -19.88 -0.78 -11.66
C ALA B 189 -20.27 0.65 -11.99
N VAL B 190 -20.59 1.44 -10.97
CA VAL B 190 -21.13 2.77 -11.15
C VAL B 190 -20.39 3.74 -10.23
N THR B 191 -19.92 4.85 -10.79
CA THR B 191 -19.22 5.84 -9.98
C THR B 191 -20.21 6.73 -9.24
N HIS B 192 -19.80 7.16 -8.05
CA HIS B 192 -20.61 8.11 -7.31
C HIS B 192 -20.42 9.50 -7.88
N VAL B 193 -19.17 9.88 -8.13
CA VAL B 193 -18.84 11.17 -8.73
C VAL B 193 -17.77 10.95 -9.79
N SER B 194 -18.01 11.48 -10.99
CA SER B 194 -17.10 11.32 -12.11
C SER B 194 -15.91 12.26 -11.96
N ASN B 195 -14.69 11.70 -12.11
CA ASN B 195 -13.48 12.50 -12.01
C ASN B 195 -13.24 13.39 -13.22
N VAL B 196 -13.98 13.20 -14.30
CA VAL B 196 -13.88 14.01 -15.51
C VAL B 196 -15.05 14.95 -15.64
N LEU B 197 -16.27 14.43 -15.54
CA LEU B 197 -17.48 15.22 -15.71
C LEU B 197 -17.88 15.96 -14.45
N GLY B 198 -17.48 15.49 -13.28
CA GLY B 198 -17.99 16.00 -12.03
C GLY B 198 -19.38 15.53 -11.66
N THR B 199 -20.06 14.81 -12.56
CA THR B 199 -21.45 14.41 -12.33
C THR B 199 -21.60 13.67 -11.02
N VAL B 200 -22.65 13.99 -10.28
CA VAL B 200 -23.05 13.24 -9.10
C VAL B 200 -24.17 12.31 -9.51
N ASN B 201 -23.94 11.00 -9.38
CA ASN B 201 -24.98 10.07 -9.80
C ASN B 201 -25.92 9.76 -8.65
N PRO B 202 -27.21 9.51 -8.94
CA PRO B 202 -28.14 9.10 -7.87
C PRO B 202 -27.89 7.66 -7.44
N VAL B 203 -26.81 7.41 -6.71
CA VAL B 203 -26.44 6.05 -6.39
C VAL B 203 -27.52 5.38 -5.53
N ARG B 204 -28.18 6.14 -4.67
CA ARG B 204 -29.22 5.56 -3.82
C ARG B 204 -30.36 4.98 -4.67
N GLU B 205 -30.90 5.78 -5.59
CA GLU B 205 -31.92 5.27 -6.50
C GLU B 205 -31.41 4.07 -7.30
N ILE B 206 -30.20 4.20 -7.87
CA ILE B 206 -29.64 3.13 -8.70
C ILE B 206 -29.49 1.84 -7.91
N CYS B 207 -28.91 1.91 -6.72
CA CYS B 207 -28.66 0.70 -5.94
C CYS B 207 -29.96 0.06 -5.48
N ARG B 208 -30.98 0.85 -5.18
CA ARG B 208 -32.27 0.26 -4.83
C ARG B 208 -32.84 -0.51 -6.01
N GLU B 209 -32.72 0.04 -7.22
CA GLU B 209 -33.25 -0.65 -8.40
C GLU B 209 -32.38 -1.85 -8.75
N ALA B 210 -31.07 -1.73 -8.56
CA ALA B 210 -30.20 -2.88 -8.81
C ALA B 210 -30.53 -4.01 -7.84
N ARG B 211 -30.65 -3.70 -6.55
CA ARG B 211 -30.97 -4.73 -5.57
C ARG B 211 -32.31 -5.40 -5.87
N LYS B 212 -33.24 -4.66 -6.46
CA LYS B 212 -34.53 -5.25 -6.81
C LYS B 212 -34.37 -6.32 -7.89
N ARG B 213 -33.35 -6.19 -8.73
CA ARG B 213 -33.11 -7.14 -9.81
C ARG B 213 -32.00 -8.14 -9.49
N GLY B 214 -31.58 -8.23 -8.24
CA GLY B 214 -30.50 -9.13 -7.89
C GLY B 214 -29.17 -8.76 -8.52
N ILE B 215 -28.86 -7.47 -8.60
CA ILE B 215 -27.64 -7.01 -9.24
C ILE B 215 -26.74 -6.39 -8.19
N ILE B 216 -25.54 -6.95 -8.02
CA ILE B 216 -24.56 -6.42 -7.09
C ILE B 216 -24.06 -5.07 -7.58
N THR B 217 -23.93 -4.12 -6.66
CA THR B 217 -23.41 -2.79 -7.00
C THR B 217 -22.06 -2.55 -6.35
N VAL B 218 -21.08 -2.16 -7.17
CA VAL B 218 -19.79 -1.68 -6.72
C VAL B 218 -19.70 -0.19 -7.02
N VAL B 219 -19.71 0.64 -5.98
CA VAL B 219 -19.78 2.08 -6.14
C VAL B 219 -18.41 2.68 -5.89
N ASP B 220 -17.91 3.42 -6.86
CA ASP B 220 -16.61 4.10 -6.78
C ASP B 220 -16.83 5.47 -6.16
N GLY B 221 -16.43 5.63 -4.90
CA GLY B 221 -16.67 6.90 -4.23
C GLY B 221 -15.46 7.81 -4.17
N SER B 222 -14.47 7.60 -5.06
CA SER B 222 -13.18 8.27 -4.90
C SER B 222 -13.30 9.78 -5.00
N GLN B 223 -14.22 10.27 -5.84
CA GLN B 223 -14.45 11.71 -5.97
C GLN B 223 -15.68 12.18 -5.19
N ALA B 224 -16.33 11.29 -4.44
CA ALA B 224 -17.47 11.67 -3.61
C ALA B 224 -17.07 12.15 -2.23
N VAL B 225 -16.39 11.30 -1.46
CA VAL B 225 -16.16 11.56 -0.04
C VAL B 225 -15.28 12.77 0.26
N PRO B 226 -14.43 13.27 -0.65
CA PRO B 226 -13.74 14.54 -0.34
C PRO B 226 -14.56 15.78 -0.61
N HIS B 227 -15.69 15.68 -1.30
CA HIS B 227 -16.44 16.85 -1.76
C HIS B 227 -17.85 16.94 -1.23
N ARG B 228 -18.38 15.90 -0.61
CA ARG B 228 -19.73 15.93 -0.08
C ARG B 228 -19.84 14.94 1.07
N LYS B 229 -20.88 15.12 1.90
CA LYS B 229 -21.15 14.16 2.94
C LYS B 229 -21.72 12.90 2.31
N VAL B 230 -21.09 11.77 2.61
CA VAL B 230 -21.59 10.48 2.15
C VAL B 230 -21.92 9.64 3.36
N ASP B 231 -23.20 9.29 3.49
CA ASP B 231 -23.68 8.24 4.40
C ASP B 231 -23.67 6.96 3.58
N VAL B 232 -22.56 6.20 3.67
CA VAL B 232 -22.41 5.03 2.82
C VAL B 232 -23.53 4.02 3.08
N ALA B 233 -23.90 3.85 4.35
CA ALA B 233 -24.88 2.82 4.69
C ALA B 233 -26.24 3.13 4.09
N ALA B 234 -26.61 4.41 4.05
CA ALA B 234 -27.90 4.81 3.49
C ALA B 234 -27.93 4.70 1.97
N ILE B 235 -26.79 4.45 1.33
CA ILE B 235 -26.82 4.29 -0.12
C ILE B 235 -27.48 2.97 -0.48
N GLY B 236 -27.25 1.93 0.32
CA GLY B 236 -27.81 0.63 0.00
C GLY B 236 -27.06 -0.13 -1.06
N CYS B 237 -25.77 0.15 -1.23
CA CYS B 237 -24.94 -0.56 -2.18
C CYS B 237 -24.34 -1.80 -1.51
N ASP B 238 -23.74 -2.67 -2.32
CA ASP B 238 -23.05 -3.85 -1.78
C ASP B 238 -21.58 -3.59 -1.43
N PHE B 239 -20.93 -2.66 -2.13
CA PHE B 239 -19.52 -2.37 -1.96
C PHE B 239 -19.29 -0.90 -2.30
N TYR B 240 -18.47 -0.21 -1.49
CA TYR B 240 -18.15 1.20 -1.69
C TYR B 240 -16.67 1.43 -1.45
N ALA B 241 -15.98 2.03 -2.43
CA ALA B 241 -14.53 2.18 -2.41
C ALA B 241 -14.12 3.66 -2.37
N ILE B 242 -13.15 4.00 -1.51
CA ILE B 242 -12.65 5.36 -1.42
C ILE B 242 -11.12 5.32 -1.44
N THR B 243 -10.51 6.49 -1.66
CA THR B 243 -9.06 6.56 -1.70
C THR B 243 -8.57 7.74 -0.89
N GLY B 244 -7.50 7.51 -0.12
CA GLY B 244 -7.14 8.44 0.93
C GLY B 244 -6.50 9.73 0.45
N HIS B 245 -5.71 9.68 -0.61
CA HIS B 245 -4.92 10.84 -0.97
C HIS B 245 -5.74 11.95 -1.60
N1 LLP B 246 -11.83 6.37 -9.29
C2 LLP B 246 -11.94 7.71 -9.35
C2' LLP B 246 -13.29 8.29 -9.66
C3 LLP B 246 -10.83 8.53 -9.12
O3 LLP B 246 -10.88 9.79 -9.62
C4 LLP B 246 -9.58 7.96 -8.83
C4' LLP B 246 -8.36 8.81 -8.58
C5 LLP B 246 -9.50 6.57 -8.80
C6 LLP B 246 -10.64 5.84 -9.03
C5' LLP B 246 -8.18 5.87 -8.59
OP4 LLP B 246 -7.77 5.94 -7.20
P LLP B 246 -6.27 5.50 -6.73
OP1 LLP B 246 -5.86 6.25 -5.52
OP2 LLP B 246 -5.36 5.76 -7.94
OP3 LLP B 246 -6.32 4.02 -6.44
N LLP B 246 -7.01 11.69 -1.92
CA LLP B 246 -7.85 12.72 -2.55
CB LLP B 246 -8.78 12.21 -3.69
CG LLP B 246 -7.98 11.92 -4.96
CD LLP B 246 -8.75 11.14 -6.01
CE LLP B 246 -7.93 10.76 -7.21
NZ LLP B 246 -8.75 10.18 -8.26
C LLP B 246 -8.77 13.33 -1.48
O LLP B 246 -9.47 14.28 -1.77
N MET B 247 -8.77 12.80 -0.27
CA MET B 247 -9.54 13.42 0.80
C MET B 247 -8.59 13.88 1.92
N CYS B 248 -7.61 14.70 1.56
CA CYS B 248 -6.67 15.31 2.50
C CYS B 248 -5.72 14.33 3.15
N GLY B 249 -5.68 13.06 2.70
CA GLY B 249 -4.94 12.04 3.41
C GLY B 249 -3.66 11.58 2.75
N PRO B 250 -2.84 10.80 3.46
CA PRO B 250 -1.59 10.31 2.91
C PRO B 250 -1.79 9.42 1.68
N THR B 251 -0.73 9.31 0.88
CA THR B 251 -0.77 8.39 -0.24
C THR B 251 -0.72 6.95 0.26
N GLY B 252 -1.09 6.02 -0.61
CA GLY B 252 -1.12 4.61 -0.25
C GLY B 252 -2.18 4.24 0.77
N THR B 253 -3.29 4.98 0.82
CA THR B 253 -4.37 4.73 1.77
C THR B 253 -5.71 4.75 1.03
N GLY B 254 -6.70 4.14 1.65
CA GLY B 254 -8.00 3.97 1.02
C GLY B 254 -8.76 2.88 1.76
N ALA B 255 -9.98 2.62 1.30
CA ALA B 255 -10.76 1.65 2.04
C ALA B 255 -11.83 1.04 1.15
N LEU B 256 -12.25 -0.18 1.51
CA LEU B 256 -13.41 -0.83 0.91
C LEU B 256 -14.43 -1.10 2.03
N TRP B 257 -15.62 -0.53 1.88
CA TRP B 257 -16.76 -0.90 2.70
C TRP B 257 -17.58 -1.95 1.96
N ALA B 258 -18.17 -2.87 2.71
CA ALA B 258 -19.02 -3.89 2.12
C ALA B 258 -20.06 -4.33 3.13
N ARG B 259 -21.20 -4.81 2.63
CA ARG B 259 -22.15 -5.48 3.49
C ARG B 259 -21.46 -6.66 4.19
N ARG B 260 -21.85 -6.88 5.46
CA ARG B 260 -21.20 -7.93 6.26
C ARG B 260 -21.37 -9.30 5.62
N GLU B 261 -22.54 -9.57 5.03
CA GLU B 261 -22.80 -10.88 4.43
C GLU B 261 -21.80 -11.19 3.31
N HIS B 262 -21.35 -10.17 2.57
CA HIS B 262 -20.36 -10.41 1.52
C HIS B 262 -18.99 -10.66 2.10
N LEU B 263 -18.58 -9.87 3.09
CA LEU B 263 -17.26 -10.05 3.66
C LEU B 263 -17.11 -11.45 4.27
N ASP B 264 -18.19 -11.97 4.85
CA ASP B 264 -18.09 -13.31 5.43
C ASP B 264 -18.01 -14.39 4.35
N ALA B 265 -18.79 -14.25 3.28
CA ALA B 265 -18.84 -15.29 2.25
C ALA B 265 -17.62 -15.25 1.32
N MET B 266 -16.99 -14.09 1.14
CA MET B 266 -15.89 -13.96 0.18
C MET B 266 -14.65 -14.70 0.69
N PRO B 267 -13.94 -15.42 -0.19
CA PRO B 267 -12.68 -16.04 0.21
C PRO B 267 -11.58 -15.00 0.36
N PRO B 268 -10.54 -15.29 1.14
CA PRO B 268 -9.45 -14.32 1.28
C PRO B 268 -8.81 -14.04 -0.07
N PHE B 269 -8.22 -12.85 -0.18
CA PHE B 269 -7.54 -12.43 -1.40
C PHE B 269 -6.03 -12.56 -1.20
N LEU B 270 -5.40 -11.57 -0.59
CA LEU B 270 -3.99 -11.72 -0.25
C LEU B 270 -3.85 -12.59 1.00
N GLY B 271 -2.86 -13.47 0.97
CA GLY B 271 -2.54 -14.33 2.09
C GLY B 271 -1.25 -13.90 2.77
N GLY B 272 -1.20 -14.12 4.08
CA GLY B 272 -0.01 -13.77 4.84
C GLY B 272 -0.36 -13.63 6.31
N GLY B 273 0.54 -12.98 7.03
CA GLY B 273 0.28 -12.65 8.43
C GLY B 273 -0.89 -11.70 8.59
N GLU B 274 -1.37 -11.62 9.83
CA GLU B 274 -2.45 -10.74 10.25
C GLU B 274 -3.81 -11.21 9.76
N MET B 275 -3.90 -11.77 8.54
CA MET B 275 -5.20 -12.26 8.07
C MET B 275 -5.45 -13.71 8.45
N ILE B 276 -4.47 -14.39 9.02
CA ILE B 276 -4.65 -15.76 9.47
C ILE B 276 -4.96 -15.75 10.95
N LYS B 277 -5.49 -16.84 11.44
CA LYS B 277 -5.62 -17.07 12.87
C LYS B 277 -4.66 -18.14 13.36
N GLU B 278 -4.52 -19.23 12.59
CA GLU B 278 -3.62 -20.34 12.88
C GLU B 278 -3.08 -20.82 11.55
N VAL B 279 -1.76 -20.99 11.46
CA VAL B 279 -1.13 -21.50 10.25
C VAL B 279 -0.48 -22.84 10.57
N SER B 280 -0.85 -23.85 9.80
CA SER B 280 -0.18 -25.13 9.80
C SER B 280 -0.08 -25.61 8.36
N PHE B 281 0.93 -26.45 8.10
CA PHE B 281 1.02 -27.08 6.80
C PHE B 281 -0.08 -28.11 6.57
N ASP B 282 -0.78 -28.52 7.63
CA ASP B 282 -1.96 -29.37 7.51
C ASP B 282 -3.22 -28.57 7.25
N GLY B 283 -3.17 -27.24 7.37
CA GLY B 283 -4.36 -26.44 7.22
C GLY B 283 -4.32 -25.17 8.03
N THR B 284 -4.75 -24.07 7.42
CA THR B 284 -4.72 -22.74 8.01
C THR B 284 -6.14 -22.26 8.27
N VAL B 285 -6.30 -21.52 9.38
CA VAL B 285 -7.56 -20.93 9.79
C VAL B 285 -7.44 -19.40 9.70
N PHE B 286 -8.37 -18.76 9.01
CA PHE B 286 -8.26 -17.33 8.74
C PHE B 286 -9.03 -16.51 9.77
N ASN B 287 -8.57 -15.28 9.97
CA ASN B 287 -9.31 -14.31 10.76
C ASN B 287 -10.64 -13.99 10.09
N ASP B 288 -11.51 -13.31 10.85
CA ASP B 288 -12.71 -12.77 10.20
CA ASP B 288 -12.73 -12.72 10.31
C ASP B 288 -12.44 -11.37 9.68
N ALA B 289 -13.42 -10.85 8.95
CA ALA B 289 -13.34 -9.49 8.45
C ALA B 289 -13.30 -8.51 9.63
N PRO B 290 -12.60 -7.38 9.47
CA PRO B 290 -11.93 -6.96 8.24
C PRO B 290 -10.50 -7.49 8.05
N HIS B 291 -9.84 -7.93 9.14
CA HIS B 291 -8.44 -8.34 9.05
C HIS B 291 -8.23 -9.51 8.11
N LYS B 292 -9.27 -10.34 7.90
CA LYS B 292 -9.33 -11.35 6.87
C LYS B 292 -8.77 -10.85 5.53
N PHE B 293 -8.98 -9.57 5.23
CA PHE B 293 -8.62 -9.00 3.94
C PHE B 293 -7.47 -8.00 4.03
N GLU B 294 -6.76 -7.96 5.17
CA GLU B 294 -5.62 -7.07 5.39
C GLU B 294 -4.40 -7.95 5.73
N ALA B 295 -3.66 -8.37 4.72
CA ALA B 295 -2.54 -9.28 4.90
C ALA B 295 -1.24 -8.51 5.12
N GLY B 296 -0.45 -8.93 6.12
CA GLY B 296 0.86 -8.34 6.32
C GLY B 296 0.79 -6.98 7.01
N THR B 297 1.96 -6.38 7.17
CA THR B 297 2.04 -5.11 7.91
C THR B 297 1.29 -4.01 7.16
N PRO B 298 0.38 -3.29 7.82
CA PRO B 298 -0.37 -2.23 7.13
C PRO B 298 0.51 -1.02 6.84
N ASN B 299 -0.07 -0.08 6.10
CA ASN B 299 0.54 1.25 5.97
C ASN B 299 0.16 2.01 7.24
N ILE B 300 0.90 1.73 8.32
CA ILE B 300 0.54 2.25 9.63
C ILE B 300 0.55 3.77 9.62
N ALA B 301 1.63 4.36 9.11
CA ALA B 301 1.76 5.81 9.14
C ALA B 301 0.70 6.46 8.27
N GLY B 302 0.54 5.94 7.05
CA GLY B 302 -0.47 6.48 6.15
C GLY B 302 -1.86 6.46 6.74
N PHE B 303 -2.24 5.35 7.38
CA PHE B 303 -3.59 5.29 7.92
C PHE B 303 -3.77 6.11 9.18
N ILE B 304 -2.73 6.25 10.01
CA ILE B 304 -2.82 7.21 11.11
C ILE B 304 -3.08 8.61 10.57
N GLY B 305 -2.40 9.00 9.50
CA GLY B 305 -2.67 10.29 8.88
C GLY B 305 -4.04 10.36 8.25
N LEU B 306 -4.51 9.25 7.66
CA LEU B 306 -5.84 9.27 7.04
C LEU B 306 -6.92 9.44 8.09
N GLY B 307 -6.74 8.85 9.27
CA GLY B 307 -7.66 9.08 10.36
C GLY B 307 -7.77 10.54 10.74
N VAL B 308 -6.64 11.25 10.77
CA VAL B 308 -6.68 12.69 11.05
C VAL B 308 -7.39 13.44 9.93
N ALA B 309 -7.15 13.04 8.67
CA ALA B 309 -7.86 13.66 7.55
C ALA B 309 -9.36 13.51 7.69
N ALA B 310 -9.82 12.30 8.04
CA ALA B 310 -11.25 12.09 8.22
C ALA B 310 -11.79 12.97 9.34
N ASP B 311 -11.07 13.06 10.46
CA ASP B 311 -11.53 13.89 11.57
C ASP B 311 -11.50 15.37 11.19
N TYR B 312 -10.52 15.77 10.38
CA TYR B 312 -10.46 17.17 9.94
C TYR B 312 -11.68 17.52 9.10
N LEU B 313 -12.08 16.63 8.19
CA LEU B 313 -13.23 16.90 7.34
C LEU B 313 -14.54 16.81 8.13
N GLN B 314 -14.65 15.87 9.06
CA GLN B 314 -15.83 15.85 9.91
C GLN B 314 -15.91 17.11 10.78
N GLN B 315 -14.76 17.64 11.22
CA GLN B 315 -14.76 18.85 12.02
C GLN B 315 -15.23 20.06 11.21
N LEU B 316 -14.75 20.19 9.98
CA LEU B 316 -15.26 21.26 9.12
C LEU B 316 -16.75 21.11 8.90
N GLY B 317 -17.21 19.87 8.72
CA GLY B 317 -18.56 19.63 8.27
C GLY B 317 -18.57 19.36 6.78
N GLN B 318 -18.80 18.10 6.41
CA GLN B 318 -18.83 17.73 4.99
C GLN B 318 -19.89 18.51 4.23
N GLU B 319 -21.05 18.75 4.86
CA GLU B 319 -22.05 19.61 4.24
C GLU B 319 -21.51 21.02 4.02
N ASN B 320 -20.71 21.52 4.97
CA ASN B 320 -20.13 22.86 4.81
C ASN B 320 -19.15 22.87 3.64
N VAL B 321 -18.40 21.79 3.45
CA VAL B 321 -17.46 21.70 2.33
C VAL B 321 -18.22 21.68 1.01
N GLU B 322 -19.28 20.87 0.93
CA GLU B 322 -20.06 20.78 -0.30
C GLU B 322 -20.63 22.14 -0.69
N ALA B 323 -21.12 22.89 0.30
CA ALA B 323 -21.65 24.22 0.03
C ALA B 323 -20.56 25.17 -0.43
N ARG B 324 -19.38 25.09 0.17
CA ARG B 324 -18.27 25.95 -0.21
C ARG B 324 -17.84 25.68 -1.65
N GLU B 325 -17.62 24.41 -1.98
CA GLU B 325 -17.13 24.11 -3.31
C GLU B 325 -18.20 24.33 -4.39
N ALA B 326 -19.48 24.30 -4.01
CA ALA B 326 -20.54 24.66 -4.95
C ALA B 326 -20.50 26.16 -5.28
N GLU B 327 -20.23 27.00 -4.28
CA GLU B 327 -20.01 28.42 -4.57
C GLU B 327 -18.80 28.61 -5.49
N LEU B 328 -17.68 27.97 -5.14
CA LEU B 328 -16.50 28.05 -6.00
C LEU B 328 -16.80 27.55 -7.41
N LEU B 329 -17.52 26.41 -7.52
CA LEU B 329 -17.89 25.91 -8.84
C LEU B 329 -18.73 26.92 -9.61
N ALA B 330 -19.78 27.45 -8.97
CA ALA B 330 -20.68 28.37 -9.65
C ALA B 330 -19.94 29.62 -10.11
N HIS B 331 -19.07 30.17 -9.26
CA HIS B 331 -18.25 31.32 -9.69
C HIS B 331 -17.34 30.92 -10.84
N PHE B 332 -16.64 29.79 -10.70
CA PHE B 332 -15.72 29.36 -11.75
C PHE B 332 -16.44 29.05 -13.05
N THR B 333 -17.63 28.45 -12.96
CA THR B 333 -18.35 28.07 -14.17
C THR B 333 -18.95 29.30 -14.84
N GLU B 334 -19.51 30.23 -14.06
CA GLU B 334 -20.10 31.44 -14.63
C GLU B 334 -19.06 32.24 -15.39
N GLU B 335 -17.88 32.41 -14.79
CA GLU B 335 -16.81 33.13 -15.48
CA GLU B 335 -16.82 33.13 -15.47
C GLU B 335 -16.21 32.31 -16.61
N LEU B 336 -16.15 30.98 -16.46
CA LEU B 336 -15.61 30.17 -17.54
C LEU B 336 -16.48 30.25 -18.79
N ARG B 337 -17.80 30.22 -18.61
CA ARG B 337 -18.72 30.25 -19.75
C ARG B 337 -18.67 31.57 -20.50
N ARG B 338 -18.05 32.61 -19.93
CA ARG B 338 -17.82 33.85 -20.66
C ARG B 338 -16.69 33.74 -21.67
N VAL B 339 -15.92 32.66 -21.63
CA VAL B 339 -14.81 32.49 -22.57
C VAL B 339 -15.37 32.08 -23.93
N ASP B 340 -14.95 32.78 -24.97
CA ASP B 340 -15.50 32.54 -26.29
C ASP B 340 -14.94 31.24 -26.86
N GLY B 341 -15.81 30.44 -27.46
CA GLY B 341 -15.40 29.16 -28.01
C GLY B 341 -15.13 28.09 -26.98
N LEU B 342 -15.55 28.28 -25.74
CA LEU B 342 -15.27 27.33 -24.67
C LEU B 342 -16.42 26.36 -24.52
N ARG B 343 -16.09 25.08 -24.41
CA ARG B 343 -17.06 23.99 -24.30
C ARG B 343 -16.76 23.21 -23.02
N ILE B 344 -17.76 23.11 -22.15
CA ILE B 344 -17.64 22.37 -20.90
C ILE B 344 -18.20 20.97 -21.13
N ILE B 345 -17.39 19.95 -20.86
CA ILE B 345 -17.80 18.57 -21.03
C ILE B 345 -18.23 18.06 -19.67
N GLY B 346 -19.54 18.03 -19.44
CA GLY B 346 -20.09 17.62 -18.17
C GLY B 346 -20.85 18.74 -17.50
N GLU B 347 -22.15 18.82 -17.80
CA GLU B 347 -23.03 19.85 -17.25
C GLU B 347 -24.28 19.21 -16.71
N ALA B 348 -24.09 18.13 -15.95
CA ALA B 348 -25.21 17.45 -15.32
C ALA B 348 -25.87 18.38 -14.30
N PRO B 349 -27.12 18.10 -13.92
CA PRO B 349 -27.80 18.96 -12.93
C PRO B 349 -27.05 19.12 -11.61
N GLU B 350 -26.72 18.02 -10.93
CA GLU B 350 -25.93 18.11 -9.71
C GLU B 350 -24.49 17.68 -10.00
N LYS B 351 -23.54 18.43 -9.48
CA LYS B 351 -22.16 18.32 -9.93
C LYS B 351 -21.21 18.70 -8.79
N ALA B 352 -20.07 18.02 -8.72
CA ALA B 352 -18.98 18.44 -7.85
C ALA B 352 -18.09 19.44 -8.60
N ALA B 353 -17.20 20.11 -7.84
CA ALA B 353 -16.42 21.22 -8.39
C ALA B 353 -15.28 20.75 -9.31
N VAL B 354 -15.66 20.01 -10.35
CA VAL B 354 -14.72 19.53 -11.36
C VAL B 354 -15.22 20.00 -12.72
N VAL B 355 -14.35 20.64 -13.48
CA VAL B 355 -14.73 21.21 -14.78
C VAL B 355 -13.71 20.74 -15.81
N SER B 356 -14.13 19.88 -16.73
CA SER B 356 -13.33 19.52 -17.89
C SER B 356 -13.84 20.32 -19.08
N PHE B 357 -12.94 20.92 -19.84
CA PHE B 357 -13.35 21.84 -20.90
C PHE B 357 -12.39 21.79 -22.07
N LEU B 358 -12.87 22.26 -23.22
CA LEU B 358 -12.08 22.45 -24.41
C LEU B 358 -12.29 23.87 -24.92
N ILE B 359 -11.36 24.34 -25.75
CA ILE B 359 -11.50 25.63 -26.41
C ILE B 359 -11.12 25.47 -27.88
N ASP B 360 -11.91 26.10 -28.75
CA ASP B 360 -11.65 26.04 -30.19
C ASP B 360 -10.32 26.68 -30.53
N GLY B 361 -9.48 25.93 -31.25
CA GLY B 361 -8.16 26.40 -31.64
C GLY B 361 -7.08 26.13 -30.62
N ALA B 362 -7.43 25.59 -29.45
CA ALA B 362 -6.49 25.40 -28.35
C ALA B 362 -6.37 23.91 -28.05
N HIS B 363 -5.15 23.38 -28.19
CA HIS B 363 -4.88 22.04 -27.72
C HIS B 363 -4.91 22.01 -26.19
N ALA B 364 -5.55 20.98 -25.65
CA ALA B 364 -5.64 20.85 -24.20
C ALA B 364 -4.27 20.80 -23.56
N HIS B 365 -3.32 20.09 -24.18
CA HIS B 365 -1.99 19.98 -23.59
C HIS B 365 -1.28 21.32 -23.58
N ASP B 366 -1.43 22.10 -24.65
CA ASP B 366 -0.84 23.43 -24.70
C ASP B 366 -1.44 24.35 -23.66
N LEU B 367 -2.72 24.19 -23.35
CA LEU B 367 -3.33 24.96 -22.27
C LEU B 367 -2.65 24.66 -20.93
N ALA B 368 -2.46 23.38 -20.61
CA ALA B 368 -1.85 23.04 -19.33
C ALA B 368 -0.40 23.52 -19.26
N THR B 369 0.37 23.31 -20.33
CA THR B 369 1.79 23.64 -20.31
C THR B 369 1.99 25.13 -20.05
N LEU B 370 1.21 25.97 -20.72
CA LEU B 370 1.34 27.41 -20.55
C LEU B 370 0.68 27.91 -19.27
N LEU B 371 -0.41 27.27 -18.83
CA LEU B 371 -1.01 27.69 -17.57
C LEU B 371 -0.04 27.48 -16.43
N ASP B 372 0.71 26.37 -16.45
CA ASP B 372 1.73 26.12 -15.43
C ASP B 372 2.76 27.23 -15.39
N LEU B 373 3.14 27.77 -16.56
CA LEU B 373 4.09 28.87 -16.57
C LEU B 373 3.54 30.11 -15.89
N GLU B 374 2.22 30.20 -15.74
CA GLU B 374 1.58 31.23 -14.94
C GLU B 374 1.39 30.81 -13.49
N GLY B 375 1.88 29.63 -13.11
CA GLY B 375 1.70 29.12 -11.77
C GLY B 375 0.45 28.28 -11.58
N VAL B 376 -0.39 28.15 -12.60
CA VAL B 376 -1.65 27.43 -12.50
C VAL B 376 -1.40 25.96 -12.78
N ALA B 377 -1.80 25.10 -11.87
CA ALA B 377 -1.67 23.66 -12.04
C ALA B 377 -3.04 23.09 -12.42
N VAL B 378 -3.16 22.60 -13.65
CA VAL B 378 -4.29 21.81 -14.08
C VAL B 378 -3.75 20.58 -14.79
N ARG B 379 -4.66 19.71 -15.20
CA ARG B 379 -4.29 18.47 -15.86
C ARG B 379 -5.01 18.39 -17.20
N SER B 380 -4.28 18.09 -18.25
CA SER B 380 -4.89 17.84 -19.56
C SER B 380 -4.58 16.42 -20.01
N GLY B 381 -5.55 15.78 -20.63
CA GLY B 381 -5.37 14.46 -21.16
C GLY B 381 -6.69 13.69 -21.14
N GLN B 382 -6.58 12.39 -20.88
CA GLN B 382 -7.72 11.49 -20.86
C GLN B 382 -8.17 11.11 -19.45
N HIS B 383 -7.36 11.43 -18.44
CA HIS B 383 -7.73 11.34 -17.03
C HIS B 383 -8.12 9.93 -16.61
N CSO B 384 -7.45 8.95 -17.20
CA CSO B 384 -7.72 7.53 -16.91
CB CSO B 384 -7.25 7.17 -15.49
SG CSO B 384 -5.44 7.01 -15.47
C CSO B 384 -9.21 7.21 -17.09
O CSO B 384 -9.80 6.46 -16.31
OD CSO B 384 -4.94 5.74 -16.63
N ALA B 385 -9.82 7.80 -18.11
CA ALA B 385 -11.20 7.47 -18.48
C ALA B 385 -11.30 7.49 -19.98
N HIS B 386 -10.54 6.60 -20.62
CA HIS B 386 -10.51 6.58 -22.08
C HIS B 386 -11.88 6.35 -22.71
N PRO B 387 -12.74 5.44 -22.24
CA PRO B 387 -14.00 5.22 -22.96
C PRO B 387 -14.94 6.40 -22.87
N LEU B 388 -14.92 7.15 -21.77
CA LEU B 388 -15.73 8.35 -21.68
C LEU B 388 -15.35 9.36 -22.75
N LEU B 389 -14.05 9.61 -22.91
CA LEU B 389 -13.56 10.49 -23.97
C LEU B 389 -13.95 10.00 -25.36
N GLN B 390 -14.04 8.68 -25.55
CA GLN B 390 -14.42 8.16 -26.86
C GLN B 390 -15.85 8.53 -27.20
N TYR B 391 -16.76 8.48 -26.22
CA TYR B 391 -18.14 8.87 -26.46
C TYR B 391 -18.24 10.33 -26.89
N PHE B 392 -17.42 11.21 -26.31
CA PHE B 392 -17.47 12.61 -26.70
C PHE B 392 -16.71 12.90 -27.99
N GLY B 393 -15.85 11.98 -28.43
CA GLY B 393 -15.11 12.19 -29.64
C GLY B 393 -13.98 13.19 -29.54
N VAL B 394 -13.43 13.41 -28.34
CA VAL B 394 -12.35 14.36 -28.14
C VAL B 394 -11.14 13.60 -27.61
N ALA B 395 -9.96 13.99 -28.06
CA ALA B 395 -8.75 13.27 -27.68
C ALA B 395 -8.25 13.65 -26.30
N ALA B 396 -8.72 14.77 -25.76
CA ALA B 396 -8.26 15.26 -24.47
C ALA B 396 -9.17 16.39 -24.02
N THR B 397 -9.08 16.72 -22.74
CA THR B 397 -9.71 17.91 -22.19
C THR B 397 -8.75 18.55 -21.21
N CYS B 398 -9.00 19.81 -20.90
CA CYS B 398 -8.31 20.49 -19.82
C CYS B 398 -9.22 20.49 -18.60
N ARG B 399 -8.67 20.10 -17.45
CA ARG B 399 -9.50 19.86 -16.27
C ARG B 399 -9.01 20.71 -15.13
N ALA B 400 -9.87 21.61 -14.66
CA ALA B 400 -9.65 22.33 -13.42
C ALA B 400 -10.56 21.72 -12.37
N SER B 401 -9.99 21.38 -11.22
CA SER B 401 -10.75 20.75 -10.15
C SER B 401 -10.46 21.46 -8.85
N LEU B 402 -11.51 22.04 -8.27
CA LEU B 402 -11.38 22.95 -7.14
C LEU B 402 -11.61 22.21 -5.83
N ALA B 403 -10.98 22.71 -4.77
CA ALA B 403 -11.18 22.21 -3.41
C ALA B 403 -11.59 23.38 -2.53
N PHE B 404 -12.08 23.04 -1.33
CA PHE B 404 -12.60 24.07 -0.44
C PHE B 404 -11.55 25.10 -0.05
N TYR B 405 -10.27 24.71 -0.03
CA TYR B 405 -9.18 25.63 0.30
C TYR B 405 -8.77 26.51 -0.86
N ASN B 406 -9.33 26.33 -2.06
CA ASN B 406 -9.17 27.33 -3.08
C ASN B 406 -10.03 28.55 -2.76
N THR B 407 -9.79 29.65 -3.47
CA THR B 407 -10.44 30.92 -3.18
C THR B 407 -11.05 31.51 -4.44
N HIS B 408 -11.98 32.45 -4.24
CA HIS B 408 -12.55 33.19 -5.36
C HIS B 408 -11.51 34.05 -6.04
N ALA B 409 -10.55 34.57 -5.28
CA ALA B 409 -9.45 35.34 -5.85
C ALA B 409 -8.64 34.49 -6.81
N GLU B 410 -8.31 33.25 -6.41
CA GLU B 410 -7.60 32.34 -7.32
C GLU B 410 -8.40 32.12 -8.60
N ILE B 411 -9.71 31.95 -8.47
CA ILE B 411 -10.56 31.79 -9.66
C ILE B 411 -10.34 32.95 -10.62
N GLU B 412 -10.32 34.19 -10.08
CA GLU B 412 -10.14 35.35 -10.95
CA GLU B 412 -10.14 35.35 -10.94
C GLU B 412 -8.74 35.38 -11.54
N ARG B 413 -7.71 35.09 -10.72
CA ARG B 413 -6.35 34.96 -11.23
C ARG B 413 -6.26 33.92 -12.33
N PHE B 414 -7.00 32.82 -12.19
CA PHE B 414 -7.00 31.77 -13.20
C PHE B 414 -7.52 32.30 -14.54
N MET B 415 -8.66 32.98 -14.52
CA MET B 415 -9.25 33.44 -15.78
C MET B 415 -8.35 34.43 -16.48
N THR B 416 -7.61 35.24 -15.72
CA THR B 416 -6.65 36.15 -16.33
C THR B 416 -5.51 35.38 -16.98
N ALA B 417 -5.06 34.30 -16.34
CA ALA B 417 -4.02 33.47 -16.95
C ALA B 417 -4.57 32.74 -18.17
N LEU B 418 -5.83 32.31 -18.13
CA LEU B 418 -6.42 31.65 -19.29
C LEU B 418 -6.50 32.62 -20.47
N THR B 419 -6.96 33.85 -20.21
CA THR B 419 -7.02 34.85 -21.28
C THR B 419 -5.63 35.15 -21.82
N LYS B 420 -4.64 35.28 -20.93
CA LYS B 420 -3.26 35.47 -21.37
C LYS B 420 -2.80 34.30 -22.23
N VAL B 421 -3.16 33.07 -21.85
CA VAL B 421 -2.65 31.89 -22.52
C VAL B 421 -3.42 31.63 -23.81
N ARG B 422 -4.73 31.83 -23.80
CA ARG B 422 -5.52 31.69 -25.01
C ARG B 422 -5.03 32.63 -26.10
N LYS B 423 -4.72 33.88 -25.74
CA LYS B 423 -4.19 34.84 -26.69
C LYS B 423 -2.71 34.61 -27.02
N LEU B 424 -2.03 33.73 -26.30
CA LEU B 424 -0.65 33.39 -26.67
C LEU B 424 -0.60 32.31 -27.74
N LEU B 425 -1.73 31.74 -28.12
CA LEU B 425 -1.78 30.65 -29.09
C LEU B 425 -2.75 30.96 -30.22
C1 EDO C . 3.69 1.37 -5.68
O1 EDO C . 2.82 1.84 -4.64
C2 EDO C . 2.92 1.16 -6.98
O2 EDO C . 1.71 0.42 -6.74
C1 EDO D . -3.83 -1.51 5.28
O1 EDO D . -2.58 -1.01 4.78
C2 EDO D . -3.75 -2.97 5.68
O2 EDO D . -3.29 -3.82 4.61
S SO4 E . -12.60 33.59 -0.63
O1 SO4 E . -11.72 33.18 0.45
O2 SO4 E . -12.77 32.49 -1.58
O3 SO4 E . -12.02 34.73 -1.35
O4 SO4 E . -13.90 33.91 -0.05
#